data_4C9P
#
_entry.id   4C9P
#
_cell.length_a   151.702
_cell.length_b   151.702
_cell.length_c   196.644
_cell.angle_alpha   90.00
_cell.angle_beta   90.00
_cell.angle_gamma   120.00
#
_symmetry.space_group_name_H-M   'P 64 2 2'
#
loop_
_entity.id
_entity.type
_entity.pdbx_description
1 polymer 'CYTOCHROME P450'
2 non-polymer 'PROTOPORPHYRIN IX CONTAINING FE'
3 non-polymer CAMPHOR
4 non-polymer GLYCEROL
5 water water
#
_entity_poly.entity_id   1
_entity_poly.type   'polypeptide(L)'
_entity_poly.pdbx_seq_one_letter_code
;MNAQTSTATQKHRVAPPPHVPGHLIREIDAYDLDGLEQGFHEAWKRVQQPDTPPLVWTPFTGGHWIATRGTLIDEIYRSP
ERFSSRVIWVPREAGEAYDMVPTKLDPPEHTPYRKAIDKGLNLAEIRKLEDQIRTIAVEIIEGFADRGHCEFGSEFSTVF
PVRVFLALAGLPVEDATKLGLLANEMTRPSGNTPEEQGRSLEAANKGFFEYVAPIIAARRGGSGTDLITRILNVEIDGKP
MPDDRALGLVSLLLLGGLDAVVNFLGFMMIYLSRHPETVAEMRREPLKLQRGVEELFRRFAVVSDARYVVSDMEFHGTML
KEGDLILLPTALHGLDDRHHDDPMTVDLSRRDVTHSTFAQGPHRCAGMHLARLEVTVMLQEWLARIPEFRLKDRAVPIYH
SGIVAAVENIPLEWEPQRVSA
;
_entity_poly.pdbx_strand_id   A,B
#
loop_
_chem_comp.id
_chem_comp.type
_chem_comp.name
_chem_comp.formula
CAM non-polymer CAMPHOR 'C10 H16 O'
GOL non-polymer GLYCEROL 'C3 H8 O3'
HEM non-polymer 'PROTOPORPHYRIN IX CONTAINING FE' 'C34 H32 Fe N4 O4'
#
# COMPACT_ATOMS: atom_id res chain seq x y z
N GLN A 10 -20.61 8.39 29.49
CA GLN A 10 -19.84 9.60 29.17
C GLN A 10 -18.58 9.21 28.41
N LYS A 11 -18.25 9.96 27.37
CA LYS A 11 -17.06 9.66 26.57
C LYS A 11 -15.84 10.46 27.06
N HIS A 12 -14.72 9.78 27.27
CA HIS A 12 -13.49 10.44 27.69
C HIS A 12 -12.73 10.92 26.46
N ARG A 13 -12.48 12.23 26.39
CA ARG A 13 -11.73 12.83 25.28
C ARG A 13 -10.42 13.45 25.78
N VAL A 14 -9.42 13.38 24.93
CA VAL A 14 -8.14 13.99 25.16
C VAL A 14 -8.03 15.08 24.10
N ALA A 15 -7.36 16.20 24.38
CA ALA A 15 -7.16 17.25 23.37
C ALA A 15 -6.10 16.84 22.34
N PRO A 16 -6.29 17.25 21.07
CA PRO A 16 -5.25 16.87 20.09
C PRO A 16 -3.95 17.61 20.33
N PRO A 17 -2.82 16.91 20.13
CA PRO A 17 -1.50 17.57 20.21
C PRO A 17 -1.34 18.56 19.06
N PRO A 18 -0.41 19.52 19.22
CA PRO A 18 -0.20 20.59 18.24
C PRO A 18 0.01 20.11 16.79
N HIS A 19 0.58 18.93 16.59
CA HIS A 19 0.88 18.48 15.23
C HIS A 19 -0.31 17.83 14.50
N VAL A 20 -1.40 17.58 15.23
CA VAL A 20 -2.58 16.99 14.63
C VAL A 20 -3.53 18.08 14.13
N PRO A 21 -3.76 18.15 12.81
CA PRO A 21 -4.65 19.20 12.28
C PRO A 21 -6.12 18.82 12.43
N GLY A 22 -6.97 19.82 12.63
CA GLY A 22 -8.38 19.56 12.84
C GLY A 22 -9.03 18.75 11.74
N HIS A 23 -8.55 18.91 10.51
CA HIS A 23 -9.19 18.23 9.38
C HIS A 23 -8.97 16.71 9.41
N LEU A 24 -8.04 16.25 10.24
CA LEU A 24 -7.78 14.81 10.33
C LEU A 24 -8.45 14.17 11.55
N ILE A 25 -9.16 14.96 12.34
CA ILE A 25 -9.75 14.42 13.56
C ILE A 25 -11.02 13.66 13.24
N ARG A 26 -11.17 12.45 13.76
CA ARG A 26 -12.38 11.65 13.60
C ARG A 26 -12.71 10.99 14.93
N GLU A 27 -13.97 11.06 15.34
CA GLU A 27 -14.34 10.53 16.64
C GLU A 27 -14.67 9.04 16.52
N ILE A 28 -13.62 8.23 16.65
CA ILE A 28 -13.74 6.79 16.48
C ILE A 28 -13.34 6.11 17.79
N ASP A 29 -14.23 5.29 18.32
CA ASP A 29 -13.98 4.59 19.58
C ASP A 29 -13.74 3.12 19.29
N ALA A 30 -12.48 2.69 19.32
CA ALA A 30 -12.16 1.30 18.98
C ALA A 30 -12.79 0.27 19.92
N TYR A 31 -13.11 0.70 21.14
CA TYR A 31 -13.72 -0.21 22.11
C TYR A 31 -15.25 -0.20 22.13
N ASP A 32 -15.85 0.62 21.26
CA ASP A 32 -17.31 0.69 21.15
C ASP A 32 -17.67 1.42 19.85
N LEU A 33 -17.32 0.81 18.71
CA LEU A 33 -17.47 1.47 17.42
C LEU A 33 -18.90 1.91 17.13
N ASP A 34 -19.03 3.08 16.51
CA ASP A 34 -20.31 3.53 15.99
C ASP A 34 -20.81 2.48 15.03
N GLY A 35 -22.06 2.03 15.21
CA GLY A 35 -22.66 1.06 14.31
C GLY A 35 -22.32 -0.39 14.61
N LEU A 36 -21.68 -0.62 15.75
CA LEU A 36 -21.25 -1.96 16.14
C LEU A 36 -22.40 -2.97 16.22
N GLU A 37 -23.61 -2.49 16.52
CA GLU A 37 -24.76 -3.41 16.64
C GLU A 37 -25.07 -4.11 15.31
N GLN A 38 -24.61 -3.53 14.19
CA GLN A 38 -24.83 -4.15 12.88
C GLN A 38 -23.72 -5.13 12.53
N GLY A 39 -22.69 -5.18 13.36
CA GLY A 39 -21.56 -6.05 13.08
C GLY A 39 -20.24 -5.34 13.24
N PHE A 40 -19.23 -6.08 13.69
CA PHE A 40 -17.89 -5.54 13.87
C PHE A 40 -17.27 -5.10 12.53
N HIS A 41 -17.37 -5.96 11.53
CA HIS A 41 -16.76 -5.63 10.24
C HIS A 41 -17.46 -4.46 9.57
N GLU A 42 -18.78 -4.46 9.67
CA GLU A 42 -19.60 -3.38 9.13
C GLU A 42 -19.27 -2.05 9.82
N ALA A 43 -19.09 -2.11 11.14
CA ALA A 43 -18.73 -0.91 11.90
C ALA A 43 -17.37 -0.32 11.48
N TRP A 44 -16.36 -1.17 11.35
CA TRP A 44 -15.07 -0.67 10.85
C TRP A 44 -15.18 -0.12 9.44
N LYS A 45 -15.98 -0.77 8.61
CA LYS A 45 -16.13 -0.32 7.22
C LYS A 45 -16.76 1.07 7.15
N ARG A 46 -17.53 1.46 8.16
CA ARG A 46 -18.06 2.84 8.21
C ARG A 46 -16.98 3.90 8.25
N VAL A 47 -15.82 3.56 8.81
CA VAL A 47 -14.70 4.49 8.94
C VAL A 47 -14.03 4.70 7.58
N GLN A 48 -14.09 3.66 6.75
CA GLN A 48 -13.38 3.67 5.47
C GLN A 48 -14.31 4.16 4.35
N GLN A 49 -14.56 5.46 4.32
CA GLN A 49 -15.39 6.11 3.28
C GLN A 49 -14.50 6.44 2.07
N PRO A 50 -15.11 6.74 0.91
CA PRO A 50 -14.30 6.87 -0.31
C PRO A 50 -13.21 7.93 -0.25
N ASP A 51 -13.41 9.00 0.51
CA ASP A 51 -12.42 10.08 0.58
C ASP A 51 -11.77 10.24 1.95
N THR A 52 -11.91 9.28 2.85
CA THR A 52 -11.31 9.56 4.16
C THR A 52 -9.79 9.47 4.09
N PRO A 53 -9.13 10.32 4.86
CA PRO A 53 -7.66 10.35 4.82
C PRO A 53 -7.08 9.02 5.26
N PRO A 54 -5.86 8.70 4.78
CA PRO A 54 -5.21 7.43 5.10
C PRO A 54 -4.91 7.29 6.59
N LEU A 55 -4.64 8.41 7.27
CA LEU A 55 -4.43 8.40 8.71
C LEU A 55 -5.36 9.43 9.34
N VAL A 56 -6.18 9.01 10.30
CA VAL A 56 -7.03 9.96 11.04
C VAL A 56 -6.75 9.84 12.53
N TRP A 57 -7.08 10.88 13.29
CA TRP A 57 -6.72 10.89 14.71
C TRP A 57 -7.99 10.99 15.54
N THR A 58 -8.13 10.10 16.52
CA THR A 58 -9.29 10.12 17.41
C THR A 58 -8.93 10.60 18.81
N PRO A 59 -9.82 11.40 19.43
CA PRO A 59 -9.57 11.88 20.80
C PRO A 59 -9.95 10.86 21.86
N PHE A 60 -10.52 9.73 21.43
CA PHE A 60 -10.93 8.70 22.37
C PHE A 60 -9.78 7.75 22.66
N THR A 61 -9.94 6.94 23.72
CA THR A 61 -8.94 5.90 24.03
C THR A 61 -7.53 6.50 24.21
N GLY A 62 -7.47 7.67 24.83
CA GLY A 62 -6.21 8.32 25.14
C GLY A 62 -5.65 9.16 24.01
N GLY A 63 -6.31 9.11 22.86
CA GLY A 63 -5.85 9.85 21.68
C GLY A 63 -4.85 9.04 20.87
N HIS A 64 -5.18 8.75 19.62
CA HIS A 64 -4.29 7.97 18.78
C HIS A 64 -4.68 8.04 17.32
N TRP A 65 -3.74 7.68 16.45
CA TRP A 65 -4.02 7.59 15.03
C TRP A 65 -4.70 6.27 14.68
N ILE A 66 -5.40 6.26 13.54
CA ILE A 66 -5.93 5.05 12.96
C ILE A 66 -5.60 5.02 11.47
N ALA A 67 -5.00 3.92 11.01
CA ALA A 67 -4.74 3.74 9.59
C ALA A 67 -6.00 3.20 8.93
N THR A 68 -6.43 3.80 7.82
CA THR A 68 -7.76 3.50 7.29
C THR A 68 -7.75 2.72 6.00
N ARG A 69 -6.55 2.40 5.51
CA ARG A 69 -6.40 1.70 4.23
C ARG A 69 -5.39 0.57 4.31
N GLY A 70 -5.61 -0.48 3.54
CA GLY A 70 -4.81 -1.68 3.60
C GLY A 70 -3.33 -1.48 3.32
N THR A 71 -3.02 -0.60 2.37
CA THR A 71 -1.62 -0.43 2.01
C THR A 71 -0.82 0.11 3.19
N LEU A 72 -1.43 1.02 3.97
CA LEU A 72 -0.73 1.55 5.15
C LEU A 72 -0.58 0.50 6.23
N ILE A 73 -1.65 -0.24 6.47
CA ILE A 73 -1.63 -1.28 7.47
C ILE A 73 -0.52 -2.28 7.15
N ASP A 74 -0.49 -2.75 5.90
CA ASP A 74 0.54 -3.68 5.46
C ASP A 74 1.94 -3.08 5.62
N GLU A 75 2.10 -1.83 5.19
CA GLU A 75 3.42 -1.21 5.24
C GLU A 75 3.93 -1.02 6.68
N ILE A 76 3.03 -0.61 7.56
CA ILE A 76 3.41 -0.33 8.94
C ILE A 76 3.87 -1.63 9.63
N TYR A 77 3.12 -2.70 9.42
CA TYR A 77 3.51 -3.99 9.99
C TYR A 77 4.86 -4.48 9.49
N ARG A 78 5.18 -4.17 8.24
CA ARG A 78 6.46 -4.60 7.62
C ARG A 78 7.63 -3.71 7.98
N SER A 79 7.42 -2.68 8.79
CA SER A 79 8.44 -1.66 9.01
C SER A 79 8.78 -1.43 10.49
N PRO A 80 9.35 -2.43 11.16
CA PRO A 80 9.60 -2.29 12.60
C PRO A 80 10.63 -1.21 12.95
N GLU A 81 11.49 -0.85 12.01
CA GLU A 81 12.48 0.19 12.29
C GLU A 81 11.83 1.57 12.42
N ARG A 82 10.66 1.72 11.79
CA ARG A 82 9.93 2.98 11.82
C ARG A 82 8.72 2.94 12.74
N PHE A 83 8.16 1.74 12.93
CA PHE A 83 6.96 1.55 13.71
C PHE A 83 7.18 0.37 14.65
N SER A 84 7.51 0.71 15.89
CA SER A 84 8.00 -0.23 16.89
C SER A 84 6.89 -0.96 17.64
N SER A 85 7.20 -2.16 18.11
CA SER A 85 6.28 -2.91 18.94
C SER A 85 6.43 -2.59 20.43
N ARG A 86 7.17 -1.54 20.75
CA ARG A 86 7.34 -1.18 22.15
C ARG A 86 5.98 -0.82 22.79
N VAL A 87 5.04 -0.35 21.99
CA VAL A 87 3.63 -0.28 22.41
C VAL A 87 2.73 -0.80 21.29
N ILE A 88 1.91 -1.81 21.58
CA ILE A 88 1.02 -2.34 20.54
C ILE A 88 -0.46 -2.37 20.96
N TRP A 89 -0.75 -1.76 22.11
CA TRP A 89 -2.13 -1.67 22.58
C TRP A 89 -2.52 -0.20 22.67
N VAL A 90 -3.80 0.09 22.47
CA VAL A 90 -4.37 1.35 22.94
C VAL A 90 -5.34 0.98 24.07
N PRO A 91 -5.51 1.87 25.07
CA PRO A 91 -4.80 3.14 25.24
C PRO A 91 -3.34 2.91 25.63
N ARG A 92 -2.54 3.96 25.54
CA ARG A 92 -1.11 3.88 25.88
C ARG A 92 -0.85 3.23 27.24
N GLU A 93 -1.67 3.56 28.25
CA GLU A 93 -1.47 2.98 29.58
C GLU A 93 -1.53 1.46 29.57
N ALA A 94 -2.48 0.92 28.80
CA ALA A 94 -2.59 -0.52 28.65
C ALA A 94 -1.40 -1.06 27.86
N GLY A 95 -1.00 -0.34 26.83
CA GLY A 95 0.14 -0.77 26.02
C GLY A 95 1.44 -0.79 26.80
N GLU A 96 1.56 0.12 27.76
CA GLU A 96 2.76 0.16 28.58
C GLU A 96 2.77 -0.95 29.63
N ALA A 97 1.58 -1.38 30.04
CA ALA A 97 1.46 -2.47 31.00
C ALA A 97 1.67 -3.85 30.37
N TYR A 98 1.35 -3.95 29.08
CA TYR A 98 1.44 -5.19 28.32
C TYR A 98 2.83 -5.82 28.42
N ASP A 99 2.87 -7.09 28.82
CA ASP A 99 4.11 -7.81 28.99
C ASP A 99 3.93 -9.24 28.46
N MET A 100 4.00 -9.37 27.14
CA MET A 100 3.93 -10.67 26.48
C MET A 100 5.13 -10.74 25.55
N VAL A 101 5.63 -11.95 25.30
CA VAL A 101 6.87 -12.13 24.53
C VAL A 101 6.57 -13.10 23.41
N PRO A 102 7.05 -12.83 22.18
CA PRO A 102 7.93 -11.71 21.80
C PRO A 102 7.19 -10.55 21.14
N THR A 103 5.89 -10.42 21.38
CA THR A 103 5.13 -9.34 20.76
C THR A 103 5.57 -7.94 21.16
N LYS A 104 6.19 -7.82 22.34
CA LYS A 104 6.66 -6.51 22.79
C LYS A 104 8.07 -6.19 22.28
N LEU A 105 8.66 -7.11 21.52
CA LEU A 105 10.05 -6.95 21.07
C LEU A 105 10.17 -6.59 19.58
N ASP A 106 11.21 -5.83 19.24
CA ASP A 106 11.58 -5.60 17.84
C ASP A 106 12.79 -6.47 17.51
N PRO A 107 13.04 -6.73 16.22
CA PRO A 107 14.31 -7.36 15.86
C PRO A 107 15.44 -6.43 16.29
N PRO A 108 16.59 -6.98 16.71
CA PRO A 108 16.96 -8.41 16.73
C PRO A 108 16.54 -9.14 18.01
N GLU A 109 16.09 -8.43 19.04
CA GLU A 109 15.69 -9.08 20.29
C GLU A 109 14.57 -10.09 20.05
N HIS A 110 13.68 -9.74 19.13
CA HIS A 110 12.54 -10.58 18.81
C HIS A 110 12.95 -11.93 18.21
N THR A 111 13.99 -11.95 17.40
CA THR A 111 14.16 -13.14 16.56
C THR A 111 14.46 -14.49 17.24
N PRO A 112 15.31 -14.52 18.28
CA PRO A 112 15.50 -15.86 18.88
C PRO A 112 14.25 -16.39 19.58
N TYR A 113 13.37 -15.49 20.04
CA TYR A 113 12.14 -15.94 20.68
C TYR A 113 11.12 -16.42 19.66
N ARG A 114 11.08 -15.77 18.51
CA ARG A 114 10.21 -16.24 17.44
C ARG A 114 10.71 -17.60 16.96
N LYS A 115 12.04 -17.76 16.86
CA LYS A 115 12.64 -19.04 16.48
C LYS A 115 12.18 -20.15 17.41
N ALA A 116 12.16 -19.86 18.71
CA ALA A 116 11.74 -20.83 19.71
C ALA A 116 10.28 -21.22 19.51
N ILE A 117 9.42 -20.22 19.32
CA ILE A 117 8.01 -20.48 19.08
C ILE A 117 7.79 -21.31 17.82
N ASP A 118 8.53 -20.96 16.76
CA ASP A 118 8.41 -21.67 15.49
C ASP A 118 8.79 -23.15 15.63
N LYS A 119 9.64 -23.48 16.60
CA LYS A 119 9.97 -24.89 16.84
C LYS A 119 8.73 -25.70 17.19
N GLY A 120 7.77 -25.04 17.83
CA GLY A 120 6.54 -25.72 18.24
C GLY A 120 5.38 -25.53 17.28
N LEU A 121 5.34 -24.41 16.57
CA LEU A 121 4.16 -24.04 15.79
C LEU A 121 4.36 -24.05 14.28
N ASN A 122 5.50 -24.53 13.82
CA ASN A 122 5.74 -24.55 12.37
C ASN A 122 4.78 -25.51 11.64
N LEU A 123 4.66 -25.33 10.33
CA LEU A 123 3.64 -26.06 9.56
C LEU A 123 3.77 -27.57 9.71
N ALA A 124 5.01 -28.07 9.67
CA ALA A 124 5.25 -29.50 9.78
C ALA A 124 4.79 -30.03 11.13
N GLU A 125 5.08 -29.29 12.19
CA GLU A 125 4.59 -29.67 13.52
C GLU A 125 3.07 -29.64 13.61
N ILE A 126 2.47 -28.61 13.03
CA ILE A 126 1.01 -28.45 13.09
C ILE A 126 0.30 -29.57 12.32
N ARG A 127 0.89 -30.01 11.21
CA ARG A 127 0.30 -31.09 10.43
C ARG A 127 0.10 -32.36 11.25
N LYS A 128 0.99 -32.59 12.21
CA LYS A 128 0.89 -33.77 13.07
C LYS A 128 -0.34 -33.71 13.96
N LEU A 129 -0.93 -32.53 14.10
CA LEU A 129 -2.03 -32.31 15.02
C LEU A 129 -3.39 -32.54 14.39
N GLU A 130 -3.42 -32.72 13.06
CA GLU A 130 -4.69 -32.76 12.34
C GLU A 130 -5.68 -33.75 12.95
N ASP A 131 -5.25 -34.96 13.24
CA ASP A 131 -6.25 -35.92 13.68
C ASP A 131 -6.76 -35.65 15.09
N GLN A 132 -5.90 -35.15 15.97
CA GLN A 132 -6.35 -34.79 17.33
C GLN A 132 -7.40 -33.69 17.24
N ILE A 133 -7.15 -32.71 16.36
CA ILE A 133 -8.08 -31.61 16.17
C ILE A 133 -9.42 -32.12 15.65
N ARG A 134 -9.37 -33.03 14.68
CA ARG A 134 -10.58 -33.59 14.10
C ARG A 134 -11.41 -34.37 15.12
N THR A 135 -10.75 -35.18 15.94
CA THR A 135 -11.41 -35.96 16.98
C THR A 135 -12.18 -35.03 17.92
N ILE A 136 -11.56 -33.91 18.26
CA ILE A 136 -12.19 -32.95 19.15
C ILE A 136 -13.42 -32.30 18.47
N ALA A 137 -13.26 -31.88 17.22
CA ALA A 137 -14.36 -31.29 16.49
C ALA A 137 -15.54 -32.26 16.35
N VAL A 138 -15.24 -33.51 16.01
CA VAL A 138 -16.27 -34.51 15.79
C VAL A 138 -17.06 -34.76 17.07
N GLU A 139 -16.35 -34.89 18.18
CA GLU A 139 -16.99 -35.18 19.45
C GLU A 139 -17.97 -34.07 19.83
N ILE A 140 -17.57 -32.82 19.62
CA ILE A 140 -18.42 -31.70 19.95
C ILE A 140 -19.64 -31.64 19.04
N ILE A 141 -19.41 -31.73 17.72
CA ILE A 141 -20.49 -31.67 16.74
C ILE A 141 -21.51 -32.81 16.92
N GLU A 142 -21.02 -34.00 17.22
CA GLU A 142 -21.93 -35.12 17.40
C GLU A 142 -22.85 -34.97 18.61
N GLY A 143 -22.47 -34.09 19.53
CA GLY A 143 -23.32 -33.78 20.68
C GLY A 143 -24.61 -33.09 20.31
N PHE A 144 -24.63 -32.37 19.20
CA PHE A 144 -25.83 -31.62 18.81
C PHE A 144 -26.32 -31.80 17.37
N ALA A 145 -25.54 -32.48 16.53
CA ALA A 145 -25.89 -32.61 15.10
C ALA A 145 -27.30 -33.17 14.85
N ASP A 146 -27.72 -34.10 15.70
CA ASP A 146 -29.02 -34.73 15.53
C ASP A 146 -30.15 -33.88 16.12
N ARG A 147 -29.80 -32.83 16.83
CA ARG A 147 -30.79 -32.03 17.56
C ARG A 147 -31.53 -31.02 16.68
N GLY A 148 -30.84 -30.50 15.67
CA GLY A 148 -31.47 -29.54 14.76
C GLY A 148 -31.29 -28.09 15.16
N HIS A 149 -30.61 -27.86 16.27
CA HIS A 149 -30.30 -26.49 16.70
C HIS A 149 -29.14 -26.46 17.68
N CYS A 150 -28.45 -25.33 17.75
CA CYS A 150 -27.49 -25.11 18.82
C CYS A 150 -27.20 -23.63 18.90
N GLU A 151 -26.74 -23.19 20.07
CA GLU A 151 -26.21 -21.85 20.16
C GLU A 151 -24.72 -21.99 19.86
N PHE A 152 -24.32 -21.60 18.67
CA PHE A 152 -23.00 -21.94 18.13
C PHE A 152 -21.86 -21.41 18.99
N GLY A 153 -22.03 -20.23 19.56
CA GLY A 153 -20.99 -19.65 20.41
C GLY A 153 -20.70 -20.48 21.64
N SER A 154 -21.71 -20.65 22.48
CA SER A 154 -21.48 -21.36 23.73
C SER A 154 -21.27 -22.87 23.53
N GLU A 155 -21.82 -23.42 22.46
CA GLU A 155 -21.77 -24.87 22.28
C GLU A 155 -20.67 -25.35 21.34
N PHE A 156 -20.12 -24.46 20.52
CA PHE A 156 -19.02 -24.84 19.64
C PHE A 156 -17.80 -23.91 19.61
N SER A 157 -17.98 -22.66 19.18
CA SER A 157 -16.81 -21.84 18.89
C SER A 157 -15.99 -21.50 20.13
N THR A 158 -16.62 -21.42 21.30
CA THR A 158 -15.88 -21.16 22.52
C THR A 158 -15.37 -22.44 23.15
N VAL A 159 -15.72 -23.58 22.55
CA VAL A 159 -15.35 -24.87 23.08
C VAL A 159 -14.22 -25.53 22.29
N PHE A 160 -14.42 -25.65 20.98
CA PHE A 160 -13.49 -26.35 20.09
C PHE A 160 -12.02 -25.87 20.14
N PRO A 161 -11.76 -24.58 19.86
CA PRO A 161 -10.36 -24.13 19.82
C PRO A 161 -9.70 -24.17 21.21
N VAL A 162 -10.51 -24.01 22.24
CA VAL A 162 -10.00 -24.06 23.61
C VAL A 162 -9.57 -25.47 23.99
N ARG A 163 -10.42 -26.45 23.71
CA ARG A 163 -10.05 -27.85 23.96
C ARG A 163 -8.83 -28.24 23.14
N VAL A 164 -8.80 -27.80 21.89
CA VAL A 164 -7.65 -28.08 21.03
C VAL A 164 -6.37 -27.53 21.66
N PHE A 165 -6.40 -26.24 22.02
CA PHE A 165 -5.18 -25.64 22.52
C PHE A 165 -4.74 -26.15 23.90
N LEU A 166 -5.69 -26.32 24.82
CA LEU A 166 -5.30 -26.80 26.16
C LEU A 166 -4.71 -28.22 26.08
N ALA A 167 -5.23 -29.02 25.14
CA ALA A 167 -4.70 -30.36 24.95
C ALA A 167 -3.28 -30.28 24.41
N LEU A 168 -3.09 -29.43 23.41
CA LEU A 168 -1.78 -29.23 22.79
C LEU A 168 -0.78 -28.72 23.82
N ALA A 169 -1.23 -27.81 24.69
CA ALA A 169 -0.37 -27.26 25.74
C ALA A 169 -0.22 -28.16 26.96
N GLY A 170 -0.92 -29.28 26.98
CA GLY A 170 -0.90 -30.17 28.14
C GLY A 170 -1.47 -29.56 29.41
N LEU A 171 -2.59 -28.84 29.28
CA LEU A 171 -3.20 -28.19 30.43
C LEU A 171 -4.61 -28.71 30.65
N PRO A 172 -5.10 -28.64 31.90
CA PRO A 172 -6.44 -29.16 32.21
C PRO A 172 -7.53 -28.32 31.55
N VAL A 173 -8.50 -28.99 30.93
CA VAL A 173 -9.61 -28.29 30.27
C VAL A 173 -10.42 -27.47 31.28
N GLU A 174 -10.37 -27.84 32.55
CA GLU A 174 -11.11 -27.13 33.59
C GLU A 174 -10.56 -25.72 33.83
N ASP A 175 -9.41 -25.42 33.23
CA ASP A 175 -8.82 -24.10 33.37
C ASP A 175 -9.35 -23.14 32.30
N ALA A 176 -10.21 -23.65 31.41
CA ALA A 176 -10.74 -22.84 30.31
C ALA A 176 -11.42 -21.55 30.78
N THR A 177 -12.24 -21.66 31.82
CA THR A 177 -12.98 -20.49 32.29
C THR A 177 -12.09 -19.36 32.78
N LYS A 178 -11.16 -19.68 33.67
CA LYS A 178 -10.31 -18.65 34.25
C LYS A 178 -9.39 -18.06 33.19
N LEU A 179 -8.94 -18.87 32.24
CA LEU A 179 -8.08 -18.34 31.16
C LEU A 179 -8.88 -17.44 30.22
N GLY A 180 -10.14 -17.78 29.99
CA GLY A 180 -10.98 -16.96 29.12
C GLY A 180 -11.24 -15.60 29.73
N LEU A 181 -11.42 -15.58 31.04
CA LEU A 181 -11.70 -14.34 31.76
C LEU A 181 -10.47 -13.43 31.66
N LEU A 182 -9.29 -14.01 31.79
CA LEU A 182 -8.06 -13.22 31.66
C LEU A 182 -7.92 -12.71 30.23
N ALA A 183 -8.23 -13.54 29.25
CA ALA A 183 -8.12 -13.12 27.85
C ALA A 183 -9.05 -11.94 27.56
N ASN A 184 -10.28 -12.00 28.07
CA ASN A 184 -11.23 -10.91 27.87
C ASN A 184 -10.67 -9.56 28.33
N GLU A 185 -10.07 -9.56 29.51
CA GLU A 185 -9.57 -8.31 30.07
C GLU A 185 -8.24 -7.87 29.44
N MET A 186 -7.57 -8.79 28.74
CA MET A 186 -6.41 -8.40 27.93
C MET A 186 -6.85 -7.67 26.66
N THR A 187 -7.77 -8.30 25.92
CA THR A 187 -8.09 -7.85 24.56
C THR A 187 -9.26 -6.87 24.53
N ARG A 188 -10.13 -6.95 25.53
CA ARG A 188 -11.21 -6.00 25.67
C ARG A 188 -11.27 -5.47 27.11
N PRO A 189 -10.21 -4.77 27.58
CA PRO A 189 -10.15 -4.38 28.99
C PRO A 189 -11.29 -3.48 29.45
N SER A 190 -11.84 -3.77 30.63
CA SER A 190 -12.90 -2.96 31.20
C SER A 190 -12.42 -1.58 31.58
N GLY A 191 -13.33 -0.61 31.54
CA GLY A 191 -12.99 0.75 31.94
C GLY A 191 -13.46 1.77 30.92
N ASN A 192 -13.75 2.98 31.40
CA ASN A 192 -14.26 4.06 30.57
C ASN A 192 -13.27 5.21 30.51
N THR A 193 -12.05 4.93 30.93
CA THR A 193 -11.00 5.92 31.05
C THR A 193 -9.69 5.22 30.67
N PRO A 194 -8.74 5.94 30.05
CA PRO A 194 -7.46 5.29 29.69
C PRO A 194 -6.76 4.67 30.90
N GLU A 195 -6.78 5.34 32.04
CA GLU A 195 -6.16 4.77 33.24
C GLU A 195 -6.89 3.53 33.76
N GLU A 196 -8.22 3.54 33.70
CA GLU A 196 -9.01 2.38 34.10
C GLU A 196 -8.68 1.19 33.20
N GLN A 197 -8.61 1.41 31.90
CA GLN A 197 -8.27 0.31 31.01
C GLN A 197 -6.83 -0.18 31.23
N GLY A 198 -5.94 0.76 31.56
CA GLY A 198 -4.58 0.37 31.89
C GLY A 198 -4.57 -0.58 33.07
N ARG A 199 -5.30 -0.21 34.13
CA ARG A 199 -5.37 -1.05 35.32
C ARG A 199 -5.96 -2.43 35.04
N SER A 200 -6.99 -2.48 34.19
CA SER A 200 -7.60 -3.76 33.82
C SER A 200 -6.64 -4.69 33.11
N LEU A 201 -5.90 -4.15 32.14
CA LEU A 201 -4.91 -4.93 31.41
C LEU A 201 -3.82 -5.40 32.36
N GLU A 202 -3.38 -4.50 33.23
CA GLU A 202 -2.32 -4.83 34.19
C GLU A 202 -2.72 -6.03 35.04
N ALA A 203 -3.96 -6.01 35.53
CA ALA A 203 -4.43 -7.10 36.40
C ALA A 203 -4.55 -8.41 35.63
N ALA A 204 -5.02 -8.32 34.38
CA ALA A 204 -5.13 -9.49 33.52
C ALA A 204 -3.76 -10.10 33.22
N ASN A 205 -2.80 -9.25 32.90
CA ASN A 205 -1.47 -9.70 32.56
C ASN A 205 -0.82 -10.38 33.79
N LYS A 206 -1.09 -9.83 34.97
CA LYS A 206 -0.58 -10.42 36.21
C LYS A 206 -1.22 -11.79 36.44
N GLY A 207 -2.52 -11.89 36.18
CA GLY A 207 -3.22 -13.16 36.30
C GLY A 207 -2.61 -14.24 35.42
N PHE A 208 -2.25 -13.87 34.20
CA PHE A 208 -1.60 -14.81 33.30
C PHE A 208 -0.26 -15.24 33.87
N PHE A 209 0.53 -14.28 34.34
CA PHE A 209 1.85 -14.59 34.89
C PHE A 209 1.74 -15.53 36.10
N GLU A 210 0.75 -15.29 36.95
CA GLU A 210 0.56 -16.13 38.13
C GLU A 210 0.22 -17.56 37.72
N TYR A 211 -0.58 -17.69 36.67
CA TYR A 211 -0.99 -19.00 36.18
C TYR A 211 0.19 -19.76 35.57
N VAL A 212 0.99 -19.03 34.81
CA VAL A 212 2.04 -19.64 34.02
C VAL A 212 3.30 -19.97 34.82
N ALA A 213 3.58 -19.22 35.88
CA ALA A 213 4.82 -19.43 36.62
C ALA A 213 5.10 -20.86 37.13
N PRO A 214 4.10 -21.51 37.78
CA PRO A 214 4.39 -22.85 38.28
C PRO A 214 4.56 -23.88 37.15
N ILE A 215 3.90 -23.63 36.02
CA ILE A 215 4.01 -24.49 34.85
C ILE A 215 5.41 -24.42 34.26
N ILE A 216 5.92 -23.19 34.12
CA ILE A 216 7.30 -22.99 33.69
C ILE A 216 8.27 -23.69 34.63
N ALA A 217 8.15 -23.42 35.91
CA ALA A 217 9.06 -24.03 36.90
C ALA A 217 9.07 -25.56 36.79
N ALA A 218 7.89 -26.14 36.54
CA ALA A 218 7.76 -27.58 36.47
C ALA A 218 8.27 -28.18 35.15
N ARG A 219 8.21 -27.41 34.07
CA ARG A 219 8.54 -27.97 32.75
C ARG A 219 9.91 -27.56 32.21
N ARG A 220 10.65 -26.75 32.96
CA ARG A 220 12.03 -26.47 32.59
C ARG A 220 12.82 -27.78 32.69
N GLY A 221 13.48 -28.15 31.60
CA GLY A 221 14.20 -29.42 31.56
C GLY A 221 13.29 -30.63 31.53
N GLY A 222 11.99 -30.39 31.35
CA GLY A 222 11.01 -31.46 31.40
C GLY A 222 11.05 -32.42 30.22
N SER A 223 10.33 -33.53 30.36
CA SER A 223 10.29 -34.55 29.33
C SER A 223 8.93 -34.62 28.65
N GLY A 224 8.04 -33.70 29.02
CA GLY A 224 6.74 -33.64 28.38
C GLY A 224 6.87 -33.37 26.90
N THR A 225 5.87 -33.81 26.13
CA THR A 225 5.85 -33.58 24.69
C THR A 225 4.92 -32.43 24.34
N ASP A 226 4.36 -31.79 25.36
CA ASP A 226 3.40 -30.70 25.14
C ASP A 226 4.08 -29.47 24.53
N LEU A 227 3.26 -28.56 23.99
CA LEU A 227 3.76 -27.36 23.32
C LEU A 227 4.64 -26.49 24.22
N ILE A 228 4.26 -26.37 25.48
CA ILE A 228 4.97 -25.49 26.40
C ILE A 228 6.37 -26.02 26.69
N THR A 229 6.49 -27.29 27.04
CA THR A 229 7.80 -27.89 27.30
C THR A 229 8.71 -27.74 26.07
N ARG A 230 8.14 -28.00 24.90
CA ARG A 230 8.93 -27.96 23.66
C ARG A 230 9.52 -26.58 23.40
N ILE A 231 8.70 -25.54 23.55
CA ILE A 231 9.14 -24.17 23.25
C ILE A 231 9.99 -23.59 24.39
N LEU A 232 9.56 -23.84 25.63
CA LEU A 232 10.25 -23.35 26.81
C LEU A 232 11.72 -23.73 26.81
N ASN A 233 12.00 -24.94 26.33
CA ASN A 233 13.35 -25.50 26.43
C ASN A 233 14.24 -25.28 25.20
N VAL A 234 13.79 -24.43 24.28
CA VAL A 234 14.65 -23.97 23.21
C VAL A 234 15.63 -22.96 23.81
N GLU A 235 16.92 -23.17 23.58
CA GLU A 235 17.93 -22.26 24.09
C GLU A 235 17.85 -20.87 23.43
N ILE A 236 18.17 -19.84 24.22
CA ILE A 236 18.23 -18.48 23.74
C ILE A 236 19.66 -17.98 23.94
N ASP A 237 20.33 -17.67 22.83
CA ASP A 237 21.75 -17.27 22.87
C ASP A 237 22.56 -18.24 23.73
N GLY A 238 22.38 -19.53 23.46
CA GLY A 238 23.13 -20.58 24.12
C GLY A 238 22.85 -20.80 25.60
N LYS A 239 21.67 -20.40 26.06
CA LYS A 239 21.33 -20.53 27.47
C LYS A 239 19.84 -20.80 27.66
N PRO A 240 19.44 -21.28 28.84
CA PRO A 240 18.00 -21.36 29.10
C PRO A 240 17.38 -19.96 29.07
N MET A 241 16.18 -19.88 28.50
CA MET A 241 15.38 -18.68 28.48
C MET A 241 15.25 -18.11 29.90
N PRO A 242 15.47 -16.80 30.08
CA PRO A 242 15.30 -16.23 31.42
C PRO A 242 13.84 -16.25 31.89
N ASP A 243 13.64 -16.21 33.20
CA ASP A 243 12.31 -16.25 33.82
C ASP A 243 11.35 -15.17 33.30
N ASP A 244 11.81 -13.92 33.26
CA ASP A 244 10.94 -12.83 32.85
C ASP A 244 10.40 -13.05 31.44
N ARG A 245 11.30 -13.43 30.54
CA ARG A 245 10.92 -13.77 29.17
C ARG A 245 9.97 -14.95 29.07
N ALA A 246 10.26 -15.99 29.85
CA ALA A 246 9.43 -17.20 29.85
C ALA A 246 7.99 -16.89 30.26
N LEU A 247 7.82 -16.10 31.30
CA LEU A 247 6.46 -15.73 31.75
C LEU A 247 5.68 -15.08 30.61
N GLY A 248 6.30 -14.11 29.93
CA GLY A 248 5.65 -13.42 28.84
C GLY A 248 5.40 -14.32 27.64
N LEU A 249 6.30 -15.26 27.41
CA LEU A 249 6.22 -16.15 26.25
C LEU A 249 5.09 -17.16 26.40
N VAL A 250 5.10 -17.87 27.52
CA VAL A 250 4.06 -18.88 27.76
C VAL A 250 2.68 -18.21 27.88
N SER A 251 2.62 -17.03 28.50
CA SER A 251 1.36 -16.31 28.58
C SER A 251 0.82 -15.95 27.20
N LEU A 252 1.71 -15.54 26.30
CA LEU A 252 1.30 -15.15 24.95
C LEU A 252 0.76 -16.36 24.18
N LEU A 253 1.39 -17.52 24.36
CA LEU A 253 0.92 -18.73 23.70
C LEU A 253 -0.54 -18.98 24.07
N LEU A 254 -0.83 -18.90 25.36
CA LEU A 254 -2.19 -19.08 25.85
C LEU A 254 -3.15 -18.03 25.30
N LEU A 255 -2.74 -16.76 25.35
CA LEU A 255 -3.61 -15.69 24.87
C LEU A 255 -3.86 -15.83 23.37
N GLY A 256 -2.81 -16.12 22.61
CA GLY A 256 -2.92 -16.28 21.18
C GLY A 256 -3.79 -17.48 20.82
N GLY A 257 -3.61 -18.56 21.56
CA GLY A 257 -4.32 -19.79 21.23
C GLY A 257 -5.80 -19.81 21.58
N LEU A 258 -6.22 -18.92 22.47
CA LEU A 258 -7.55 -19.03 23.09
C LEU A 258 -8.60 -17.97 22.77
N ASP A 259 -8.24 -16.86 22.12
CA ASP A 259 -9.22 -15.80 21.92
C ASP A 259 -9.54 -15.54 20.45
N ALA A 260 -8.51 -15.38 19.63
CA ALA A 260 -8.72 -15.05 18.23
C ALA A 260 -9.52 -16.07 17.42
N VAL A 261 -9.17 -17.35 17.52
CA VAL A 261 -9.85 -18.38 16.70
C VAL A 261 -11.31 -18.52 17.13
N VAL A 262 -11.54 -18.49 18.45
CA VAL A 262 -12.89 -18.56 19.00
C VAL A 262 -13.77 -17.50 18.37
N ASN A 263 -13.28 -16.26 18.34
CA ASN A 263 -14.10 -15.20 17.79
C ASN A 263 -14.18 -15.21 16.26
N PHE A 264 -13.07 -15.53 15.60
CA PHE A 264 -13.08 -15.71 14.15
C PHE A 264 -14.19 -16.67 13.72
N LEU A 265 -14.25 -17.83 14.37
CA LEU A 265 -15.26 -18.83 14.00
C LEU A 265 -16.69 -18.28 14.11
N GLY A 266 -16.94 -17.46 15.13
CA GLY A 266 -18.25 -16.86 15.32
C GLY A 266 -18.64 -15.97 14.13
N PHE A 267 -17.73 -15.07 13.75
CA PHE A 267 -18.01 -14.18 12.62
C PHE A 267 -18.21 -14.95 11.32
N MET A 268 -17.35 -15.94 11.10
CA MET A 268 -17.42 -16.74 9.89
C MET A 268 -18.74 -17.47 9.81
N MET A 269 -19.15 -18.07 10.93
CA MET A 269 -20.35 -18.89 10.93
C MET A 269 -21.63 -18.07 10.74
N ILE A 270 -21.65 -16.87 11.31
CA ILE A 270 -22.79 -15.99 11.10
C ILE A 270 -22.94 -15.73 9.59
N TYR A 271 -21.82 -15.45 8.92
CA TYR A 271 -21.88 -15.20 7.47
C TYR A 271 -22.38 -16.44 6.74
N LEU A 272 -21.79 -17.60 7.03
CA LEU A 272 -22.17 -18.80 6.30
C LEU A 272 -23.65 -19.15 6.52
N SER A 273 -24.15 -18.88 7.72
CA SER A 273 -25.56 -19.18 8.02
C SER A 273 -26.50 -18.31 7.20
N ARG A 274 -25.99 -17.18 6.71
CA ARG A 274 -26.78 -16.26 5.89
C ARG A 274 -26.52 -16.43 4.41
N HIS A 275 -25.60 -17.32 4.06
CA HIS A 275 -25.22 -17.52 2.66
C HIS A 275 -25.17 -18.99 2.28
N PRO A 276 -26.35 -19.62 2.15
CA PRO A 276 -26.45 -21.05 1.89
C PRO A 276 -25.84 -21.46 0.55
N GLU A 277 -25.80 -20.54 -0.43
CA GLU A 277 -25.17 -20.84 -1.72
C GLU A 277 -23.68 -21.10 -1.55
N THR A 278 -23.06 -20.32 -0.68
CA THR A 278 -21.64 -20.46 -0.40
C THR A 278 -21.37 -21.76 0.35
N VAL A 279 -22.20 -22.07 1.33
CA VAL A 279 -22.11 -23.36 2.02
C VAL A 279 -22.25 -24.51 1.03
N ALA A 280 -23.20 -24.39 0.11
CA ALA A 280 -23.44 -25.45 -0.85
C ALA A 280 -22.23 -25.69 -1.76
N GLU A 281 -21.55 -24.61 -2.15
CA GLU A 281 -20.34 -24.73 -2.96
C GLU A 281 -19.25 -25.52 -2.24
N MET A 282 -19.10 -25.23 -0.94
CA MET A 282 -18.14 -25.96 -0.10
C MET A 282 -18.47 -27.45 -0.03
N ARG A 283 -19.76 -27.75 0.08
CA ARG A 283 -20.22 -29.15 0.10
C ARG A 283 -19.97 -29.87 -1.22
N ARG A 284 -20.28 -29.20 -2.33
CA ARG A 284 -20.19 -29.85 -3.64
C ARG A 284 -18.75 -30.00 -4.12
N GLU A 285 -17.87 -29.12 -3.66
CA GLU A 285 -16.49 -29.10 -4.10
C GLU A 285 -15.56 -29.03 -2.90
N PRO A 286 -15.15 -30.20 -2.38
CA PRO A 286 -14.33 -30.23 -1.16
C PRO A 286 -13.00 -29.50 -1.33
N LEU A 287 -12.48 -29.46 -2.56
CA LEU A 287 -11.24 -28.72 -2.80
C LEU A 287 -11.48 -27.22 -2.76
N LYS A 288 -12.70 -26.80 -3.10
CA LYS A 288 -13.06 -25.38 -2.99
C LYS A 288 -13.07 -24.95 -1.53
N LEU A 289 -13.54 -25.84 -0.64
CA LEU A 289 -13.48 -25.58 0.79
C LEU A 289 -12.03 -25.41 1.23
N GLN A 290 -11.18 -26.39 0.91
CA GLN A 290 -9.80 -26.36 1.38
C GLN A 290 -9.06 -25.14 0.85
N ARG A 291 -9.20 -24.88 -0.44
CA ARG A 291 -8.50 -23.77 -1.08
C ARG A 291 -9.13 -22.43 -0.76
N GLY A 292 -10.31 -22.46 -0.13
CA GLY A 292 -11.08 -21.25 0.09
C GLY A 292 -10.94 -20.71 1.51
N VAL A 293 -10.23 -21.44 2.36
CA VAL A 293 -10.09 -21.04 3.75
C VAL A 293 -9.37 -19.69 3.90
N GLU A 294 -8.39 -19.42 3.04
CA GLU A 294 -7.69 -18.15 3.17
C GLU A 294 -8.61 -16.96 2.86
N GLU A 295 -9.56 -17.18 1.96
CA GLU A 295 -10.56 -16.17 1.67
C GLU A 295 -11.40 -15.86 2.92
N LEU A 296 -11.65 -16.86 3.76
CA LEU A 296 -12.35 -16.61 5.02
C LEU A 296 -11.50 -15.75 5.94
N PHE A 297 -10.19 -16.03 6.00
CA PHE A 297 -9.32 -15.16 6.80
C PHE A 297 -9.28 -13.71 6.31
N ARG A 298 -9.37 -13.53 5.01
CA ARG A 298 -9.41 -12.17 4.46
C ARG A 298 -10.66 -11.45 4.94
N ARG A 299 -11.76 -12.19 4.98
CA ARG A 299 -13.07 -11.60 5.21
C ARG A 299 -13.39 -11.38 6.68
N PHE A 300 -12.84 -12.20 7.57
CA PHE A 300 -13.23 -12.14 9.00
C PHE A 300 -12.10 -11.80 9.97
N ALA A 301 -11.37 -10.74 9.66
CA ALA A 301 -10.30 -10.26 10.54
C ALA A 301 -10.87 -9.92 11.91
N VAL A 302 -10.07 -10.12 12.96
CA VAL A 302 -10.56 -9.81 14.31
C VAL A 302 -9.64 -8.90 15.12
N VAL A 303 -8.40 -8.73 14.67
CA VAL A 303 -7.42 -7.98 15.46
C VAL A 303 -7.30 -6.52 15.02
N SER A 304 -7.29 -5.61 16.00
CA SER A 304 -6.93 -4.22 15.74
C SER A 304 -5.92 -3.85 16.81
N ASP A 305 -4.64 -3.84 16.44
CA ASP A 305 -3.63 -3.44 17.42
C ASP A 305 -2.73 -2.34 16.86
N ALA A 306 -1.68 -1.99 17.60
CA ALA A 306 -1.00 -0.72 17.28
C ALA A 306 0.50 -0.87 17.09
N ARG A 307 1.12 0.22 16.64
CA ARG A 307 2.58 0.35 16.64
C ARG A 307 2.95 1.74 17.16
N TYR A 308 4.21 1.89 17.58
CA TYR A 308 4.74 3.10 18.18
C TYR A 308 5.65 3.81 17.15
N VAL A 309 5.35 5.07 16.85
CA VAL A 309 6.16 5.82 15.88
C VAL A 309 7.56 6.10 16.45
N VAL A 310 8.59 5.56 15.79
CA VAL A 310 9.95 5.60 16.32
C VAL A 310 10.57 6.99 16.28
N SER A 311 10.32 7.72 15.20
CA SER A 311 10.90 9.05 15.00
C SER A 311 9.91 10.01 14.35
N ASP A 312 10.07 11.30 14.62
CA ASP A 312 9.30 12.32 13.89
C ASP A 312 9.43 12.01 12.41
N MET A 313 8.31 11.98 11.70
CA MET A 313 8.37 11.63 10.28
C MET A 313 7.16 12.16 9.53
N GLU A 314 7.25 12.15 8.21
CA GLU A 314 6.05 12.31 7.41
C GLU A 314 5.76 10.99 6.75
N PHE A 315 4.52 10.52 6.86
CA PHE A 315 4.14 9.21 6.36
C PHE A 315 2.79 9.33 5.70
N HIS A 316 2.71 8.96 4.41
CA HIS A 316 1.48 9.10 3.64
C HIS A 316 0.89 10.50 3.81
N GLY A 317 1.76 11.49 3.64
CA GLY A 317 1.38 12.90 3.67
C GLY A 317 0.97 13.42 5.04
N THR A 318 1.22 12.63 6.08
CA THR A 318 0.76 12.96 7.43
C THR A 318 1.95 13.16 8.37
N MET A 319 1.97 14.26 9.12
CA MET A 319 3.04 14.49 10.07
C MET A 319 2.81 13.68 11.34
N LEU A 320 3.77 12.83 11.68
CA LEU A 320 3.73 12.01 12.88
C LEU A 320 4.87 12.39 13.82
N LYS A 321 4.63 12.28 15.13
CA LYS A 321 5.68 12.56 16.12
C LYS A 321 6.13 11.28 16.80
N GLU A 322 7.41 11.22 17.16
CA GLU A 322 7.94 10.11 17.95
C GLU A 322 7.01 9.85 19.14
N GLY A 323 6.63 8.60 19.35
CA GLY A 323 5.75 8.24 20.44
C GLY A 323 4.27 8.17 20.13
N ASP A 324 3.87 8.74 18.98
CA ASP A 324 2.49 8.59 18.51
C ASP A 324 2.15 7.11 18.36
N LEU A 325 0.93 6.72 18.70
CA LEU A 325 0.46 5.36 18.47
C LEU A 325 -0.44 5.31 17.24
N ILE A 326 -0.29 4.28 16.41
CA ILE A 326 -1.18 4.10 15.27
C ILE A 326 -1.89 2.79 15.43
N LEU A 327 -3.22 2.83 15.48
CA LEU A 327 -4.01 1.62 15.50
C LEU A 327 -4.17 1.08 14.08
N LEU A 328 -4.07 -0.23 13.95
CA LEU A 328 -4.13 -0.95 12.68
C LEU A 328 -5.32 -1.89 12.72
N PRO A 329 -6.49 -1.41 12.27
CA PRO A 329 -7.65 -2.32 12.30
C PRO A 329 -7.52 -3.26 11.10
N THR A 330 -7.16 -4.51 11.37
CA THR A 330 -6.76 -5.39 10.27
C THR A 330 -7.90 -5.65 9.29
N ALA A 331 -9.14 -5.47 9.75
CA ALA A 331 -10.27 -5.64 8.84
C ALA A 331 -10.23 -4.65 7.68
N LEU A 332 -9.58 -3.50 7.88
CA LEU A 332 -9.53 -2.50 6.83
C LEU A 332 -8.47 -2.78 5.77
N HIS A 333 -7.72 -3.89 5.90
CA HIS A 333 -6.93 -4.37 4.76
C HIS A 333 -7.75 -5.37 3.95
N GLY A 334 -8.16 -6.46 4.59
CA GLY A 334 -8.92 -7.49 3.89
C GLY A 334 -10.19 -6.99 3.24
N LEU A 335 -10.84 -6.01 3.88
CA LEU A 335 -12.09 -5.49 3.35
C LEU A 335 -11.95 -4.18 2.57
N ASP A 336 -10.71 -3.75 2.36
CA ASP A 336 -10.45 -2.53 1.59
C ASP A 336 -10.89 -2.70 0.13
N ASP A 337 -11.86 -1.89 -0.31
CA ASP A 337 -12.36 -1.98 -1.68
C ASP A 337 -11.29 -1.60 -2.72
N ARG A 338 -10.22 -0.97 -2.27
CA ARG A 338 -9.13 -0.66 -3.19
C ARG A 338 -8.21 -1.86 -3.38
N HIS A 339 -8.35 -2.85 -2.50
CA HIS A 339 -7.59 -4.09 -2.65
C HIS A 339 -8.43 -5.23 -3.20
N HIS A 340 -9.72 -5.23 -2.90
CA HIS A 340 -10.59 -6.36 -3.30
C HIS A 340 -11.95 -5.86 -3.75
N ASP A 341 -12.33 -6.25 -4.97
CA ASP A 341 -13.64 -5.88 -5.48
C ASP A 341 -14.71 -6.65 -4.70
N ASP A 342 -15.83 -6.00 -4.42
CA ASP A 342 -16.91 -6.60 -3.62
C ASP A 342 -16.38 -7.27 -2.36
N PRO A 343 -15.68 -6.49 -1.52
CA PRO A 343 -14.89 -7.07 -0.43
C PRO A 343 -15.73 -7.78 0.64
N MET A 344 -17.00 -7.42 0.80
CA MET A 344 -17.81 -8.07 1.82
C MET A 344 -18.34 -9.41 1.37
N THR A 345 -18.20 -9.76 0.09
CA THR A 345 -18.61 -11.12 -0.26
C THR A 345 -17.48 -12.13 -0.23
N VAL A 346 -17.78 -13.29 0.33
CA VAL A 346 -16.87 -14.41 0.28
C VAL A 346 -17.00 -15.02 -1.10
N ASP A 347 -15.89 -15.03 -1.82
CA ASP A 347 -15.80 -15.68 -3.13
C ASP A 347 -14.70 -16.72 -3.01
N LEU A 348 -15.07 -18.00 -2.94
CA LEU A 348 -14.09 -19.03 -2.65
C LEU A 348 -13.03 -19.16 -3.74
N SER A 349 -13.37 -18.69 -4.95
CA SER A 349 -12.44 -18.73 -6.08
C SER A 349 -11.63 -17.46 -6.25
N ARG A 350 -11.76 -16.53 -5.33
CA ARG A 350 -11.02 -15.27 -5.41
C ARG A 350 -9.51 -15.55 -5.53
N ARG A 351 -8.86 -15.04 -6.57
CA ARG A 351 -7.44 -15.35 -6.79
C ARG A 351 -6.52 -14.55 -5.87
N ASP A 352 -6.85 -13.28 -5.66
CA ASP A 352 -6.09 -12.40 -4.78
C ASP A 352 -6.81 -12.31 -3.45
N VAL A 353 -6.26 -12.93 -2.40
CA VAL A 353 -6.92 -12.86 -1.10
C VAL A 353 -6.10 -12.07 -0.08
N THR A 354 -5.16 -11.27 -0.57
CA THR A 354 -4.20 -10.62 0.32
C THR A 354 -4.86 -9.85 1.46
N HIS A 355 -4.29 -10.00 2.65
CA HIS A 355 -4.92 -9.44 3.85
C HIS A 355 -3.87 -9.33 4.95
N SER A 356 -4.22 -8.68 6.04
CA SER A 356 -3.35 -8.54 7.20
C SER A 356 -4.03 -9.10 8.43
N THR A 357 -4.85 -10.12 8.22
CA THR A 357 -5.57 -10.73 9.34
C THR A 357 -4.57 -11.36 10.32
N PHE A 358 -3.45 -11.82 9.77
CA PHE A 358 -2.35 -12.34 10.56
C PHE A 358 -1.21 -11.32 10.64
N ALA A 359 -1.51 -10.06 10.34
CA ALA A 359 -0.49 -9.00 10.24
C ALA A 359 0.54 -9.28 9.14
N GLN A 360 1.71 -8.63 9.23
CA GLN A 360 2.80 -8.81 8.28
C GLN A 360 4.09 -8.61 9.04
N GLY A 361 5.21 -8.81 8.35
CA GLY A 361 6.50 -8.51 8.93
C GLY A 361 6.95 -9.58 9.93
N PRO A 362 7.89 -9.22 10.80
CA PRO A 362 8.50 -10.21 11.70
C PRO A 362 7.51 -10.86 12.66
N HIS A 363 6.46 -10.14 13.05
CA HIS A 363 5.49 -10.66 14.00
C HIS A 363 4.30 -11.36 13.35
N ARG A 364 4.31 -11.53 12.02
CA ARG A 364 3.19 -12.18 11.33
C ARG A 364 2.84 -13.49 12.06
N CYS A 365 1.55 -13.68 12.33
CA CYS A 365 1.07 -14.71 13.28
C CYS A 365 1.84 -16.01 13.29
N ALA A 366 2.41 -16.37 14.44
CA ALA A 366 3.10 -17.65 14.55
C ALA A 366 2.13 -18.83 14.57
N GLY A 367 0.87 -18.57 14.90
CA GLY A 367 -0.10 -19.64 14.99
C GLY A 367 -0.92 -19.80 13.72
N MET A 368 -0.51 -19.15 12.64
CA MET A 368 -1.35 -19.12 11.43
C MET A 368 -1.60 -20.52 10.85
N HIS A 369 -0.62 -21.40 10.93
CA HIS A 369 -0.81 -22.75 10.41
C HIS A 369 -1.85 -23.50 11.24
N LEU A 370 -1.77 -23.33 12.56
CA LEU A 370 -2.73 -23.94 13.45
C LEU A 370 -4.13 -23.36 13.24
N ALA A 371 -4.21 -22.04 13.10
CA ALA A 371 -5.50 -21.39 12.82
C ALA A 371 -6.14 -21.92 11.55
N ARG A 372 -5.36 -22.01 10.48
CA ARG A 372 -5.88 -22.50 9.20
C ARG A 372 -6.36 -23.93 9.34
N LEU A 373 -5.62 -24.75 10.08
CA LEU A 373 -5.97 -26.16 10.19
C LEU A 373 -7.23 -26.32 11.02
N GLU A 374 -7.33 -25.57 12.12
CA GLU A 374 -8.52 -25.63 12.95
C GLU A 374 -9.76 -25.27 12.15
N VAL A 375 -9.67 -24.21 11.35
CA VAL A 375 -10.84 -23.77 10.57
C VAL A 375 -11.17 -24.80 9.48
N THR A 376 -10.15 -25.32 8.82
CA THR A 376 -10.37 -26.29 7.74
C THR A 376 -11.05 -27.53 8.29
N VAL A 377 -10.52 -28.04 9.39
CA VAL A 377 -11.06 -29.25 9.99
C VAL A 377 -12.48 -29.01 10.50
N MET A 378 -12.70 -27.87 11.14
CA MET A 378 -14.03 -27.50 11.59
C MET A 378 -15.07 -27.54 10.46
N LEU A 379 -14.78 -26.87 9.34
CA LEU A 379 -15.72 -26.82 8.22
C LEU A 379 -15.96 -28.20 7.64
N GLN A 380 -14.91 -28.99 7.50
CA GLN A 380 -15.06 -30.34 6.97
C GLN A 380 -15.96 -31.20 7.84
N GLU A 381 -15.75 -31.16 9.14
CA GLU A 381 -16.53 -32.01 10.04
C GLU A 381 -17.92 -31.45 10.28
N TRP A 382 -18.05 -30.14 10.23
CA TRP A 382 -19.37 -29.54 10.36
C TRP A 382 -20.24 -29.92 9.15
N LEU A 383 -19.78 -29.62 7.94
CA LEU A 383 -20.55 -29.91 6.73
C LEU A 383 -20.83 -31.40 6.52
N ALA A 384 -19.96 -32.26 7.02
CA ALA A 384 -20.21 -33.71 6.93
C ALA A 384 -21.47 -34.11 7.70
N ARG A 385 -21.76 -33.37 8.77
CA ARG A 385 -22.80 -33.77 9.71
C ARG A 385 -24.00 -32.85 9.75
N ILE A 386 -23.76 -31.60 9.39
CA ILE A 386 -24.79 -30.57 9.35
C ILE A 386 -24.59 -29.81 8.03
N PRO A 387 -24.98 -30.43 6.91
CA PRO A 387 -24.71 -29.89 5.56
C PRO A 387 -25.40 -28.56 5.24
N GLU A 388 -26.57 -28.33 5.84
CA GLU A 388 -27.33 -27.10 5.61
C GLU A 388 -27.76 -26.53 6.95
N PHE A 389 -27.76 -25.20 7.08
CA PHE A 389 -28.13 -24.55 8.35
C PHE A 389 -28.42 -23.07 8.14
N ARG A 390 -29.15 -22.49 9.08
CA ARG A 390 -29.50 -21.08 9.00
C ARG A 390 -29.45 -20.44 10.39
N LEU A 391 -29.41 -19.10 10.42
CA LEU A 391 -29.54 -18.36 11.66
C LEU A 391 -31.02 -18.33 12.03
N LYS A 392 -31.33 -18.57 13.30
CA LYS A 392 -32.69 -18.50 13.81
C LYS A 392 -33.36 -17.20 13.36
N ASP A 393 -34.62 -17.30 12.94
CA ASP A 393 -35.37 -16.13 12.49
C ASP A 393 -35.35 -15.01 13.55
N ARG A 394 -35.00 -13.80 13.10
CA ARG A 394 -34.96 -12.60 13.94
C ARG A 394 -33.91 -12.61 15.06
N ALA A 395 -33.00 -13.58 15.04
CA ALA A 395 -31.89 -13.62 15.99
C ALA A 395 -31.00 -12.41 15.80
N VAL A 396 -30.45 -11.89 16.89
CA VAL A 396 -29.56 -10.74 16.82
C VAL A 396 -28.26 -11.04 17.58
N PRO A 397 -27.17 -11.33 16.85
CA PRO A 397 -25.89 -11.55 17.52
C PRO A 397 -25.44 -10.27 18.20
N ILE A 398 -24.62 -10.40 19.24
CA ILE A 398 -24.17 -9.28 20.05
C ILE A 398 -22.69 -9.12 19.81
N TYR A 399 -22.26 -7.90 19.51
CA TYR A 399 -20.88 -7.68 19.06
C TYR A 399 -20.10 -6.83 20.04
N HIS A 400 -18.79 -7.07 20.11
CA HIS A 400 -17.90 -6.27 20.93
C HIS A 400 -16.67 -5.92 20.12
N SER A 401 -16.19 -4.70 20.26
CA SER A 401 -14.96 -4.31 19.55
C SER A 401 -13.87 -4.02 20.57
N GLY A 402 -12.62 -4.10 20.13
CA GLY A 402 -11.49 -3.88 21.02
C GLY A 402 -10.24 -4.32 20.29
N ILE A 403 -9.23 -4.79 21.02
CA ILE A 403 -8.02 -5.25 20.36
C ILE A 403 -8.30 -6.56 19.63
N VAL A 404 -9.16 -7.39 20.21
CA VAL A 404 -9.71 -8.54 19.50
C VAL A 404 -11.24 -8.45 19.55
N ALA A 405 -11.86 -8.55 18.38
CA ALA A 405 -13.33 -8.45 18.28
C ALA A 405 -13.97 -9.67 18.91
N ALA A 406 -15.18 -9.51 19.42
CA ALA A 406 -15.91 -10.68 19.90
C ALA A 406 -17.35 -10.67 19.43
N VAL A 407 -17.96 -11.85 19.43
CA VAL A 407 -19.36 -11.96 19.05
C VAL A 407 -20.00 -13.08 19.87
N GLU A 408 -21.25 -12.91 20.24
CA GLU A 408 -21.96 -13.97 20.91
C GLU A 408 -23.40 -14.01 20.43
N ASN A 409 -24.13 -15.02 20.87
CA ASN A 409 -25.52 -15.25 20.48
C ASN A 409 -25.68 -15.59 19.00
N ILE A 410 -25.34 -16.84 18.66
CA ILE A 410 -25.41 -17.31 17.29
C ILE A 410 -26.30 -18.57 17.23
N PRO A 411 -27.62 -18.39 17.37
CA PRO A 411 -28.50 -19.57 17.36
C PRO A 411 -28.73 -20.11 15.94
N LEU A 412 -28.28 -21.34 15.71
CA LEU A 412 -28.38 -21.96 14.40
C LEU A 412 -29.48 -23.01 14.41
N GLU A 413 -30.09 -23.22 13.25
CA GLU A 413 -31.14 -24.22 13.11
C GLU A 413 -30.95 -25.01 11.83
N TRP A 414 -31.33 -26.29 11.85
CA TRP A 414 -31.24 -27.12 10.65
C TRP A 414 -32.17 -28.30 10.77
N GLU A 415 -32.42 -28.97 9.65
CA GLU A 415 -33.15 -30.22 9.65
C GLU A 415 -32.11 -31.33 9.72
N PRO A 416 -32.10 -32.12 10.81
CA PRO A 416 -31.10 -33.18 10.98
C PRO A 416 -31.07 -34.13 9.78
N GLN A 417 -29.88 -34.45 9.28
CA GLN A 417 -29.73 -35.28 8.09
C GLN A 417 -29.82 -36.77 8.43
N LYS B 11 5.47 -7.41 -35.07
CA LYS B 11 6.05 -7.02 -33.78
C LYS B 11 6.90 -8.13 -33.16
N HIS B 12 8.02 -7.74 -32.56
CA HIS B 12 8.92 -8.69 -31.90
C HIS B 12 8.25 -9.33 -30.69
N ARG B 13 8.37 -10.64 -30.56
CA ARG B 13 7.76 -11.36 -29.44
C ARG B 13 8.75 -12.29 -28.74
N VAL B 14 8.63 -12.40 -27.42
CA VAL B 14 9.39 -13.38 -26.64
C VAL B 14 8.44 -14.40 -26.00
N ALA B 15 8.86 -15.66 -25.88
CA ALA B 15 8.06 -16.67 -25.19
C ALA B 15 8.04 -16.38 -23.68
N PRO B 16 6.87 -16.48 -23.05
CA PRO B 16 6.83 -16.28 -21.59
C PRO B 16 7.58 -17.37 -20.83
N PRO B 17 8.13 -17.02 -19.66
CA PRO B 17 8.81 -18.00 -18.82
C PRO B 17 7.81 -19.01 -18.22
N PRO B 18 8.31 -20.16 -17.73
CA PRO B 18 7.44 -21.22 -17.23
C PRO B 18 6.45 -20.79 -16.13
N HIS B 19 6.79 -19.78 -15.34
CA HIS B 19 5.93 -19.41 -14.21
C HIS B 19 4.73 -18.53 -14.58
N VAL B 20 4.67 -18.08 -15.83
CA VAL B 20 3.55 -17.25 -16.28
C VAL B 20 2.44 -18.12 -16.85
N PRO B 21 1.28 -18.13 -16.19
CA PRO B 21 0.13 -18.93 -16.64
C PRO B 21 -0.48 -18.34 -17.90
N GLY B 22 -1.00 -19.18 -18.79
CA GLY B 22 -1.56 -18.71 -20.05
C GLY B 22 -2.62 -17.63 -19.89
N HIS B 23 -3.43 -17.74 -18.84
CA HIS B 23 -4.56 -16.83 -18.68
C HIS B 23 -4.13 -15.43 -18.28
N LEU B 24 -2.85 -15.25 -17.93
CA LEU B 24 -2.37 -13.92 -17.56
C LEU B 24 -1.68 -13.17 -18.70
N ILE B 25 -1.58 -13.80 -19.87
CA ILE B 25 -0.93 -13.16 -21.02
C ILE B 25 -1.84 -12.13 -21.67
N ARG B 26 -1.30 -10.94 -21.93
CA ARG B 26 -2.00 -9.90 -22.68
C ARG B 26 -1.02 -9.28 -23.66
N GLU B 27 -1.45 -9.09 -24.90
CA GLU B 27 -0.58 -8.53 -25.92
C GLU B 27 -0.64 -7.02 -25.83
N ILE B 28 0.21 -6.47 -24.98
CA ILE B 28 0.24 -5.04 -24.72
C ILE B 28 1.61 -4.49 -25.05
N ASP B 29 1.64 -3.49 -25.94
CA ASP B 29 2.89 -2.89 -26.39
C ASP B 29 2.98 -1.49 -25.84
N ALA B 30 3.80 -1.31 -24.79
CA ALA B 30 3.90 -0.02 -24.12
C ALA B 30 4.41 1.10 -25.02
N TYR B 31 5.10 0.72 -26.09
CA TYR B 31 5.67 1.72 -27.00
C TYR B 31 4.76 2.00 -28.20
N ASP B 32 3.60 1.34 -28.24
CA ASP B 32 2.66 1.52 -29.34
C ASP B 32 1.33 0.91 -28.95
N LEU B 33 0.69 1.49 -27.94
CA LEU B 33 -0.53 0.93 -27.38
C LEU B 33 -1.66 0.82 -28.41
N ASP B 34 -2.40 -0.28 -28.35
CA ASP B 34 -3.65 -0.40 -29.08
C ASP B 34 -4.55 0.78 -28.71
N GLY B 35 -5.07 1.47 -29.71
CA GLY B 35 -5.99 2.56 -29.47
C GLY B 35 -5.33 3.89 -29.17
N LEU B 36 -4.01 3.92 -29.32
CA LEU B 36 -3.23 5.12 -28.99
C LEU B 36 -3.66 6.35 -29.78
N GLU B 37 -4.13 6.15 -31.01
CA GLU B 37 -4.52 7.30 -31.84
C GLU B 37 -5.71 8.08 -31.29
N GLN B 38 -6.46 7.44 -30.39
CA GLN B 38 -7.58 8.12 -29.72
C GLN B 38 -7.13 8.78 -28.42
N GLY B 39 -5.87 8.54 -28.04
CA GLY B 39 -5.31 9.19 -26.86
C GLY B 39 -4.53 8.22 -25.99
N PHE B 40 -3.46 8.71 -25.38
CA PHE B 40 -2.61 7.93 -24.50
C PHE B 40 -3.37 7.43 -23.26
N HIS B 41 -4.07 8.33 -22.59
CA HIS B 41 -4.75 7.92 -21.36
C HIS B 41 -5.88 6.96 -21.67
N GLU B 42 -6.58 7.24 -22.76
CA GLU B 42 -7.66 6.37 -23.20
C GLU B 42 -7.11 4.98 -23.53
N ALA B 43 -5.95 4.94 -24.17
CA ALA B 43 -5.36 3.65 -24.55
C ALA B 43 -4.96 2.82 -23.32
N TRP B 44 -4.37 3.46 -22.31
CA TRP B 44 -4.04 2.71 -21.11
C TRP B 44 -5.32 2.25 -20.41
N LYS B 45 -6.34 3.10 -20.42
CA LYS B 45 -7.62 2.72 -19.79
C LYS B 45 -8.27 1.49 -20.44
N ARG B 46 -8.01 1.26 -21.73
CA ARG B 46 -8.49 0.03 -22.38
C ARG B 46 -7.98 -1.24 -21.71
N VAL B 47 -6.79 -1.16 -21.14
CA VAL B 47 -6.14 -2.30 -20.48
C VAL B 47 -6.84 -2.61 -19.15
N GLN B 48 -7.37 -1.56 -18.52
CA GLN B 48 -7.96 -1.68 -17.19
C GLN B 48 -9.46 -1.95 -17.24
N GLN B 49 -9.83 -3.18 -17.56
CA GLN B 49 -11.24 -3.58 -17.57
C GLN B 49 -11.61 -4.14 -16.19
N PRO B 50 -12.92 -4.23 -15.90
CA PRO B 50 -13.35 -4.63 -14.55
C PRO B 50 -12.75 -5.94 -14.06
N ASP B 51 -12.59 -6.91 -14.95
CA ASP B 51 -12.09 -8.21 -14.54
C ASP B 51 -10.64 -8.51 -14.93
N THR B 52 -9.87 -7.53 -15.39
CA THR B 52 -8.51 -7.93 -15.77
C THR B 52 -7.66 -8.11 -14.53
N PRO B 53 -6.80 -9.14 -14.56
CA PRO B 53 -5.97 -9.50 -13.41
C PRO B 53 -5.07 -8.34 -13.03
N PRO B 54 -4.69 -8.25 -11.75
CA PRO B 54 -3.89 -7.09 -11.30
C PRO B 54 -2.49 -7.05 -11.90
N LEU B 55 -1.94 -8.21 -12.26
CA LEU B 55 -0.68 -8.28 -13.00
C LEU B 55 -0.94 -9.09 -14.25
N VAL B 56 -0.60 -8.54 -15.41
CA VAL B 56 -0.66 -9.32 -16.65
C VAL B 56 0.72 -9.32 -17.30
N TRP B 57 0.97 -10.32 -18.14
CA TRP B 57 2.29 -10.48 -18.74
C TRP B 57 2.21 -10.30 -20.24
N THR B 58 3.09 -9.44 -20.79
CA THR B 58 3.10 -9.21 -22.23
C THR B 58 4.38 -9.75 -22.85
N PRO B 59 4.26 -10.35 -24.05
CA PRO B 59 5.42 -10.91 -24.76
C PRO B 59 6.19 -9.86 -25.55
N PHE B 60 5.69 -8.64 -25.59
CA PHE B 60 6.36 -7.58 -26.32
C PHE B 60 7.39 -6.89 -25.44
N THR B 61 8.26 -6.11 -26.08
CA THR B 61 9.23 -5.28 -25.35
C THR B 61 10.08 -6.14 -24.42
N GLY B 62 10.41 -7.35 -24.91
CA GLY B 62 11.32 -8.22 -24.19
C GLY B 62 10.65 -9.12 -23.18
N GLY B 63 9.36 -8.90 -22.95
CA GLY B 63 8.61 -9.72 -22.02
C GLY B 63 8.65 -9.15 -20.62
N HIS B 64 7.49 -8.77 -20.10
CA HIS B 64 7.42 -8.16 -18.77
C HIS B 64 6.00 -8.13 -18.23
N TRP B 65 5.88 -7.94 -16.93
CA TRP B 65 4.58 -7.77 -16.30
C TRP B 65 4.12 -6.34 -16.45
N ILE B 66 2.81 -6.15 -16.31
CA ILE B 66 2.24 -4.80 -16.20
C ILE B 66 1.25 -4.82 -15.06
N ALA B 67 1.40 -3.88 -14.13
CA ALA B 67 0.43 -3.71 -13.05
C ALA B 67 -0.77 -2.93 -13.60
N THR B 68 -1.98 -3.42 -13.36
CA THR B 68 -3.14 -2.84 -14.00
C THR B 68 -4.06 -2.12 -13.03
N ARG B 69 -3.64 -2.06 -11.76
CA ARG B 69 -4.45 -1.44 -10.70
C ARG B 69 -3.62 -0.41 -9.93
N GLY B 70 -4.25 0.71 -9.58
CA GLY B 70 -3.54 1.77 -8.88
C GLY B 70 -2.99 1.32 -7.53
N THR B 71 -3.70 0.41 -6.90
CA THR B 71 -3.26 -0.08 -5.60
C THR B 71 -1.88 -0.74 -5.71
N LEU B 72 -1.67 -1.51 -6.77
CA LEU B 72 -0.37 -2.19 -6.94
C LEU B 72 0.71 -1.20 -7.32
N ILE B 73 0.36 -0.24 -8.14
CA ILE B 73 1.34 0.76 -8.57
C ILE B 73 1.86 1.50 -7.35
N ASP B 74 0.95 1.97 -6.49
CA ASP B 74 1.32 2.69 -5.28
C ASP B 74 2.14 1.79 -4.33
N GLU B 75 1.69 0.55 -4.16
CA GLU B 75 2.32 -0.40 -3.25
C GLU B 75 3.74 -0.74 -3.71
N ILE B 76 3.90 -0.99 -5.01
CA ILE B 76 5.20 -1.34 -5.57
C ILE B 76 6.21 -0.19 -5.41
N TYR B 77 5.81 1.02 -5.78
CA TYR B 77 6.69 2.17 -5.61
C TYR B 77 7.14 2.36 -4.15
N ARG B 78 6.27 2.04 -3.19
CA ARG B 78 6.58 2.27 -1.79
C ARG B 78 7.45 1.16 -1.18
N SER B 79 7.78 0.15 -1.97
CA SER B 79 8.48 -1.04 -1.47
C SER B 79 9.81 -1.34 -2.17
N PRO B 80 10.79 -0.45 -2.02
CA PRO B 80 12.07 -0.63 -2.72
C PRO B 80 12.81 -1.89 -2.30
N GLU B 81 12.59 -2.38 -1.09
CA GLU B 81 13.27 -3.58 -0.65
C GLU B 81 12.83 -4.82 -1.43
N ARG B 82 11.59 -4.80 -1.91
CA ARG B 82 11.04 -5.94 -2.64
C ARG B 82 11.01 -5.71 -4.15
N PHE B 83 10.98 -4.44 -4.55
CA PHE B 83 10.92 -4.05 -5.95
C PHE B 83 11.96 -2.96 -6.19
N SER B 84 13.08 -3.37 -6.77
CA SER B 84 14.30 -2.58 -6.84
C SER B 84 14.36 -1.67 -8.05
N SER B 85 15.10 -0.57 -7.92
CA SER B 85 15.29 0.34 -9.04
C SER B 85 16.51 -0.04 -9.89
N ARG B 86 17.04 -1.23 -9.61
CA ARG B 86 18.10 -1.88 -10.39
C ARG B 86 17.84 -1.80 -11.91
N VAL B 87 16.58 -2.04 -12.28
CA VAL B 87 16.10 -1.85 -13.65
C VAL B 87 14.77 -1.10 -13.55
N ILE B 88 14.65 0.04 -14.23
CA ILE B 88 13.38 0.79 -14.21
C ILE B 88 12.84 1.09 -15.60
N TRP B 89 13.45 0.48 -16.62
CA TRP B 89 13.06 0.66 -18.01
C TRP B 89 12.68 -0.69 -18.59
N VAL B 90 11.76 -0.68 -19.57
CA VAL B 90 11.62 -1.80 -20.48
C VAL B 90 11.98 -1.29 -21.86
N PRO B 91 12.56 -2.16 -22.71
CA PRO B 91 12.95 -3.54 -22.45
C PRO B 91 14.13 -3.65 -21.48
N ARG B 92 14.37 -4.84 -20.96
CA ARG B 92 15.45 -5.08 -20.02
C ARG B 92 16.80 -4.57 -20.51
N GLU B 93 17.08 -4.77 -21.80
CA GLU B 93 18.33 -4.29 -22.39
C GLU B 93 18.49 -2.78 -22.21
N ALA B 94 17.41 -2.04 -22.42
CA ALA B 94 17.47 -0.60 -22.25
C ALA B 94 17.64 -0.26 -20.77
N GLY B 95 16.97 -1.05 -19.92
CA GLY B 95 17.05 -0.88 -18.48
C GLY B 95 18.43 -1.14 -17.88
N GLU B 96 19.18 -2.06 -18.48
CA GLU B 96 20.52 -2.35 -18.01
C GLU B 96 21.55 -1.33 -18.47
N ALA B 97 21.22 -0.60 -19.54
CA ALA B 97 22.11 0.41 -20.09
C ALA B 97 21.86 1.78 -19.47
N TYR B 98 20.67 1.92 -18.88
CA TYR B 98 20.27 3.14 -18.18
C TYR B 98 21.29 3.48 -17.09
N ASP B 99 21.77 4.72 -17.10
CA ASP B 99 22.78 5.15 -16.14
C ASP B 99 22.51 6.60 -15.73
N MET B 100 21.54 6.77 -14.85
CA MET B 100 21.17 8.07 -14.31
C MET B 100 21.10 7.94 -12.80
N VAL B 101 21.39 9.02 -12.09
CA VAL B 101 21.52 9.01 -10.64
C VAL B 101 20.63 10.08 -10.06
N PRO B 102 19.88 9.75 -8.99
CA PRO B 102 19.92 8.49 -8.26
C PRO B 102 18.76 7.56 -8.58
N THR B 103 18.13 7.72 -9.75
CA THR B 103 17.03 6.85 -10.13
C THR B 103 17.40 5.37 -10.20
N LYS B 104 18.66 5.08 -10.49
CA LYS B 104 19.09 3.68 -10.58
C LYS B 104 19.48 3.08 -9.23
N LEU B 105 19.46 3.91 -8.18
CA LEU B 105 19.90 3.48 -6.86
C LEU B 105 18.74 3.15 -5.91
N ASP B 106 18.96 2.17 -5.03
CA ASP B 106 18.02 1.91 -3.94
C ASP B 106 18.64 2.51 -2.67
N PRO B 107 17.80 2.77 -1.65
CA PRO B 107 18.37 3.11 -0.34
C PRO B 107 19.18 1.92 0.17
N PRO B 108 20.28 2.18 0.90
CA PRO B 108 20.78 3.48 1.38
C PRO B 108 21.59 4.30 0.38
N GLU B 109 22.06 3.71 -0.71
CA GLU B 109 22.91 4.42 -1.67
C GLU B 109 22.19 5.64 -2.25
N HIS B 110 20.89 5.50 -2.44
CA HIS B 110 20.05 6.56 -3.00
C HIS B 110 20.02 7.81 -2.14
N THR B 111 20.04 7.60 -0.83
CA THR B 111 19.73 8.65 0.14
C THR B 111 20.55 9.95 0.05
N PRO B 112 21.90 9.85 0.08
CA PRO B 112 22.63 11.13 0.07
C PRO B 112 22.56 11.88 -1.26
N TYR B 113 22.27 11.18 -2.35
CA TYR B 113 22.08 11.84 -3.64
C TYR B 113 20.74 12.54 -3.73
N ARG B 114 19.70 11.92 -3.18
CA ARG B 114 18.40 12.58 -3.12
C ARG B 114 18.49 13.81 -2.21
N LYS B 115 19.23 13.70 -1.12
CA LYS B 115 19.45 14.86 -0.24
C LYS B 115 20.10 16.02 -1.00
N ALA B 116 21.08 15.69 -1.84
CA ALA B 116 21.74 16.72 -2.64
C ALA B 116 20.78 17.41 -3.60
N ILE B 117 19.95 16.61 -4.27
CA ILE B 117 18.98 17.16 -5.22
C ILE B 117 17.96 18.05 -4.50
N ASP B 118 17.49 17.59 -3.34
CA ASP B 118 16.53 18.38 -2.55
C ASP B 118 17.06 19.76 -2.14
N LYS B 119 18.38 19.87 -1.97
CA LYS B 119 18.97 21.17 -1.62
C LYS B 119 18.65 22.21 -2.69
N GLY B 120 18.50 21.75 -3.92
CA GLY B 120 18.20 22.65 -5.03
C GLY B 120 16.73 22.73 -5.40
N LEU B 121 15.99 21.65 -5.21
CA LEU B 121 14.62 21.58 -5.72
C LEU B 121 13.53 21.62 -4.62
N ASN B 122 13.92 21.82 -3.37
CA ASN B 122 12.93 21.85 -2.31
C ASN B 122 11.96 23.03 -2.48
N LEU B 123 10.81 22.94 -1.81
CA LEU B 123 9.73 23.91 -1.98
C LEU B 123 10.17 25.36 -1.73
N ALA B 124 10.97 25.59 -0.69
CA ALA B 124 11.40 26.94 -0.39
C ALA B 124 12.24 27.50 -1.52
N GLU B 125 13.08 26.64 -2.11
CA GLU B 125 13.90 27.07 -3.23
C GLU B 125 13.06 27.37 -4.46
N ILE B 126 12.07 26.51 -4.73
CA ILE B 126 11.23 26.68 -5.91
C ILE B 126 10.40 27.96 -5.82
N ARG B 127 9.93 28.28 -4.62
CA ARG B 127 9.13 29.49 -4.41
C ARG B 127 9.85 30.75 -4.86
N LYS B 128 11.17 30.75 -4.76
CA LYS B 128 11.95 31.92 -5.14
C LYS B 128 11.90 32.18 -6.64
N LEU B 129 11.54 31.15 -7.41
CA LEU B 129 11.56 31.22 -8.86
C LEU B 129 10.27 31.77 -9.45
N GLU B 130 9.26 32.00 -8.62
CA GLU B 130 7.95 32.34 -9.14
C GLU B 130 7.94 33.56 -10.08
N ASP B 131 8.55 34.67 -9.68
CA ASP B 131 8.58 35.85 -10.54
C ASP B 131 9.22 35.57 -11.90
N GLN B 132 10.33 34.85 -11.90
CA GLN B 132 11.02 34.55 -13.14
C GLN B 132 10.17 33.65 -14.04
N ILE B 133 9.53 32.66 -13.43
CA ILE B 133 8.70 31.73 -14.19
C ILE B 133 7.53 32.48 -14.84
N ARG B 134 6.91 33.39 -14.10
CA ARG B 134 5.81 34.20 -14.65
C ARG B 134 6.28 35.06 -15.81
N THR B 135 7.44 35.68 -15.63
CA THR B 135 7.97 36.57 -16.65
C THR B 135 8.22 35.83 -17.96
N ILE B 136 8.70 34.59 -17.84
CA ILE B 136 8.91 33.75 -19.03
C ILE B 136 7.59 33.32 -19.68
N ALA B 137 6.62 32.90 -18.86
CA ALA B 137 5.33 32.50 -19.39
C ALA B 137 4.69 33.64 -20.17
N VAL B 138 4.72 34.83 -19.59
CA VAL B 138 4.09 36.00 -20.20
C VAL B 138 4.79 36.36 -21.51
N GLU B 139 6.11 36.36 -21.48
CA GLU B 139 6.90 36.66 -22.68
C GLU B 139 6.43 35.82 -23.88
N ILE B 140 6.23 34.53 -23.65
CA ILE B 140 5.82 33.60 -24.69
C ILE B 140 4.37 33.83 -25.12
N ILE B 141 3.48 33.85 -24.14
CA ILE B 141 2.05 34.04 -24.40
C ILE B 141 1.75 35.33 -25.14
N GLU B 142 2.44 36.42 -24.77
CA GLU B 142 2.27 37.68 -25.48
C GLU B 142 2.55 37.55 -26.97
N GLY B 143 3.38 36.59 -27.33
CA GLY B 143 3.79 36.41 -28.72
C GLY B 143 2.66 36.04 -29.66
N PHE B 144 1.63 35.38 -29.14
CA PHE B 144 0.53 34.92 -29.99
C PHE B 144 -0.88 35.26 -29.48
N ALA B 145 -0.96 35.87 -28.30
CA ALA B 145 -2.28 36.14 -27.71
C ALA B 145 -3.22 36.94 -28.62
N ASP B 146 -2.68 37.97 -29.27
CA ASP B 146 -3.50 38.82 -30.14
C ASP B 146 -3.82 38.18 -31.48
N ARG B 147 -3.18 37.06 -31.77
CA ARG B 147 -3.24 36.42 -33.09
C ARG B 147 -4.50 35.56 -33.26
N GLY B 148 -4.98 34.99 -32.16
CA GLY B 148 -6.20 34.21 -32.19
C GLY B 148 -5.97 32.74 -32.50
N HIS B 149 -4.70 32.34 -32.58
CA HIS B 149 -4.37 30.95 -32.86
C HIS B 149 -2.90 30.66 -32.57
N CYS B 150 -2.59 29.42 -32.21
CA CYS B 150 -1.21 28.99 -32.08
C CYS B 150 -1.17 27.48 -32.18
N GLU B 151 -0.02 26.93 -32.56
CA GLU B 151 0.14 25.49 -32.41
C GLU B 151 0.80 25.32 -31.04
N PHE B 152 -0.02 24.92 -30.08
CA PHE B 152 0.35 24.98 -28.67
C PHE B 152 1.63 24.20 -28.35
N GLY B 153 1.83 23.08 -29.04
CA GLY B 153 3.03 22.28 -28.83
C GLY B 153 4.31 23.03 -29.17
N SER B 154 4.44 23.42 -30.43
CA SER B 154 5.69 24.05 -30.87
C SER B 154 5.84 25.48 -30.36
N GLU B 155 4.73 26.13 -30.04
CA GLU B 155 4.78 27.56 -29.65
C GLU B 155 4.73 27.78 -28.15
N PHE B 156 4.29 26.77 -27.40
CA PHE B 156 4.27 26.93 -25.94
C PHE B 156 4.78 25.75 -25.11
N SER B 157 4.12 24.60 -25.18
CA SER B 157 4.45 23.53 -24.23
C SER B 157 5.88 22.99 -24.39
N THR B 158 6.43 23.03 -25.60
CA THR B 158 7.83 22.61 -25.78
C THR B 158 8.80 23.74 -25.51
N VAL B 159 8.28 24.93 -25.25
CA VAL B 159 9.12 26.12 -25.10
C VAL B 159 9.20 26.54 -23.62
N PHE B 160 8.05 26.75 -23.01
CA PHE B 160 7.96 27.29 -21.67
C PHE B 160 8.75 26.51 -20.59
N PRO B 161 8.48 25.20 -20.43
CA PRO B 161 9.19 24.53 -19.33
C PRO B 161 10.68 24.38 -19.62
N VAL B 162 11.04 24.39 -20.89
CA VAL B 162 12.43 24.26 -21.30
C VAL B 162 13.18 25.56 -21.01
N ARG B 163 12.54 26.70 -21.31
CA ARG B 163 13.09 28.00 -20.98
C ARG B 163 13.31 28.15 -19.47
N VAL B 164 12.31 27.73 -18.70
CA VAL B 164 12.39 27.76 -17.25
C VAL B 164 13.55 26.92 -16.73
N PHE B 165 13.65 25.69 -17.19
CA PHE B 165 14.65 24.81 -16.61
C PHE B 165 16.07 25.17 -17.01
N LEU B 166 16.26 25.49 -18.28
CA LEU B 166 17.61 25.86 -18.74
C LEU B 166 18.05 27.18 -18.10
N ALA B 167 17.10 28.08 -17.85
CA ALA B 167 17.42 29.29 -17.10
C ALA B 167 17.88 28.96 -15.69
N LEU B 168 17.12 28.09 -15.03
CA LEU B 168 17.43 27.63 -13.67
C LEU B 168 18.78 26.92 -13.61
N ALA B 169 19.06 26.13 -14.64
CA ALA B 169 20.30 25.34 -14.67
C ALA B 169 21.45 26.16 -15.24
N GLY B 170 21.16 27.38 -15.70
CA GLY B 170 22.20 28.25 -16.27
C GLY B 170 22.82 27.72 -17.54
N LEU B 171 21.99 27.17 -18.42
CA LEU B 171 22.46 26.55 -19.65
C LEU B 171 21.86 27.25 -20.86
N PRO B 172 22.50 27.14 -22.03
CA PRO B 172 22.01 27.83 -23.23
C PRO B 172 20.68 27.28 -23.71
N VAL B 173 19.71 28.16 -23.97
CA VAL B 173 18.43 27.71 -24.49
C VAL B 173 18.56 27.13 -25.89
N GLU B 174 19.63 27.51 -26.59
CA GLU B 174 19.92 26.97 -27.92
C GLU B 174 20.14 25.46 -27.88
N ASP B 175 20.47 24.94 -26.69
CA ASP B 175 20.72 23.51 -26.52
C ASP B 175 19.44 22.68 -26.42
N ALA B 176 18.28 23.34 -26.40
CA ALA B 176 17.00 22.66 -26.19
C ALA B 176 16.74 21.59 -27.25
N THR B 177 17.01 21.92 -28.50
CA THR B 177 16.73 20.99 -29.59
C THR B 177 17.54 19.72 -29.45
N LYS B 178 18.85 19.86 -29.24
CA LYS B 178 19.70 18.68 -29.13
C LYS B 178 19.39 17.86 -27.88
N LEU B 179 19.07 18.54 -26.78
CA LEU B 179 18.67 17.85 -25.55
C LEU B 179 17.34 17.11 -25.72
N GLY B 180 16.43 17.68 -26.50
CA GLY B 180 15.15 17.05 -26.76
C GLY B 180 15.33 15.75 -27.54
N LEU B 181 16.25 15.75 -28.50
CA LEU B 181 16.54 14.56 -29.28
C LEU B 181 17.08 13.44 -28.41
N LEU B 182 17.96 13.80 -27.48
CA LEU B 182 18.52 12.84 -26.54
C LEU B 182 17.40 12.28 -25.66
N ALA B 183 16.53 13.17 -25.17
CA ALA B 183 15.45 12.72 -24.29
C ALA B 183 14.48 11.80 -25.02
N ASN B 184 14.20 12.11 -26.30
CA ASN B 184 13.33 11.25 -27.11
C ASN B 184 13.86 9.82 -27.15
N GLU B 185 15.17 9.68 -27.33
CA GLU B 185 15.76 8.35 -27.44
C GLU B 185 15.96 7.66 -26.08
N MET B 186 15.85 8.42 -24.99
CA MET B 186 15.80 7.82 -23.65
C MET B 186 14.41 7.25 -23.38
N THR B 187 13.40 8.10 -23.50
CA THR B 187 12.06 7.78 -23.00
C THR B 187 11.18 7.10 -24.04
N ARG B 188 11.49 7.33 -25.32
CA ARG B 188 10.76 6.67 -26.39
C ARG B 188 11.74 6.12 -27.43
N PRO B 189 12.63 5.21 -27.01
CA PRO B 189 13.74 4.78 -27.88
C PRO B 189 13.32 4.10 -29.19
N SER B 190 14.07 4.38 -30.25
CA SER B 190 13.83 3.77 -31.55
C SER B 190 14.23 2.29 -31.55
N GLY B 191 13.54 1.50 -32.37
CA GLY B 191 13.89 0.10 -32.55
C GLY B 191 12.66 -0.79 -32.64
N ASN B 192 12.76 -1.87 -33.40
CA ASN B 192 11.67 -2.83 -33.52
C ASN B 192 12.00 -4.10 -32.75
N THR B 193 13.06 -4.03 -31.98
CA THR B 193 13.67 -5.18 -31.32
C THR B 193 14.17 -4.71 -29.95
N PRO B 194 14.10 -5.59 -28.92
CA PRO B 194 14.60 -5.18 -27.60
C PRO B 194 16.07 -4.75 -27.64
N GLU B 195 16.89 -5.48 -28.39
CA GLU B 195 18.29 -5.09 -28.56
C GLU B 195 18.45 -3.72 -29.23
N GLU B 196 17.66 -3.47 -30.28
CA GLU B 196 17.70 -2.20 -30.98
C GLU B 196 17.30 -1.07 -30.04
N GLN B 197 16.28 -1.31 -29.22
CA GLN B 197 15.89 -0.28 -28.24
C GLN B 197 16.95 -0.08 -27.17
N GLY B 198 17.59 -1.16 -26.76
CA GLY B 198 18.69 -1.07 -25.80
C GLY B 198 19.85 -0.26 -26.34
N ARG B 199 20.18 -0.46 -27.60
CA ARG B 199 21.25 0.33 -28.21
C ARG B 199 20.88 1.80 -28.37
N SER B 200 19.60 2.07 -28.68
CA SER B 200 19.11 3.45 -28.77
C SER B 200 19.25 4.20 -27.44
N LEU B 201 18.78 3.58 -26.36
CA LEU B 201 18.92 4.15 -25.02
C LEU B 201 20.39 4.36 -24.67
N GLU B 202 21.21 3.32 -24.88
CA GLU B 202 22.65 3.39 -24.57
C GLU B 202 23.31 4.57 -25.26
N ALA B 203 22.98 4.79 -26.52
CA ALA B 203 23.56 5.88 -27.29
C ALA B 203 23.12 7.23 -26.76
N ALA B 204 21.85 7.32 -26.37
CA ALA B 204 21.30 8.56 -25.84
C ALA B 204 21.88 8.89 -24.48
N ASN B 205 22.10 7.87 -23.66
CA ASN B 205 22.64 8.05 -22.32
C ASN B 205 24.09 8.50 -22.46
N LYS B 206 24.77 7.96 -23.48
CA LYS B 206 26.14 8.40 -23.76
C LYS B 206 26.16 9.85 -24.23
N GLY B 207 25.18 10.23 -25.03
CA GLY B 207 25.07 11.61 -25.50
C GLY B 207 24.83 12.59 -24.36
N PHE B 208 24.04 12.18 -23.38
CA PHE B 208 23.84 13.02 -22.20
C PHE B 208 25.16 13.17 -21.44
N PHE B 209 25.88 12.07 -21.28
CA PHE B 209 27.15 12.12 -20.56
C PHE B 209 28.18 13.00 -21.24
N GLU B 210 28.12 13.05 -22.57
CA GLU B 210 29.03 13.89 -23.34
C GLU B 210 28.67 15.36 -23.21
N TYR B 211 27.37 15.63 -23.14
CA TYR B 211 26.87 17.00 -22.96
C TYR B 211 27.25 17.51 -21.58
N VAL B 212 27.08 16.65 -20.59
CA VAL B 212 27.19 17.02 -19.19
C VAL B 212 28.63 17.10 -18.65
N ALA B 213 29.51 16.31 -19.23
CA ALA B 213 30.91 16.28 -18.78
C ALA B 213 31.63 17.64 -18.68
N PRO B 214 31.57 18.46 -19.74
CA PRO B 214 32.30 19.74 -19.61
C PRO B 214 31.62 20.71 -18.64
N ILE B 215 30.33 20.56 -18.44
CA ILE B 215 29.60 21.39 -17.48
C ILE B 215 30.07 21.08 -16.07
N ILE B 216 30.14 19.79 -15.77
CA ILE B 216 30.64 19.35 -14.47
C ILE B 216 32.05 19.85 -14.25
N ALA B 217 32.91 19.69 -15.26
CA ALA B 217 34.29 20.15 -15.16
C ALA B 217 34.36 21.65 -14.88
N ALA B 218 33.42 22.40 -15.43
CA ALA B 218 33.43 23.85 -15.32
C ALA B 218 32.83 24.34 -14.01
N ARG B 219 32.06 23.49 -13.36
CA ARG B 219 31.29 23.92 -12.19
C ARG B 219 31.61 23.20 -10.88
N ARG B 220 32.46 22.17 -10.94
CA ARG B 220 32.98 21.54 -9.71
C ARG B 220 33.69 22.58 -8.85
N GLY B 221 33.23 22.74 -7.61
CA GLY B 221 33.83 23.70 -6.70
C GLY B 221 33.60 25.14 -7.11
N GLY B 222 32.65 25.34 -8.02
CA GLY B 222 32.37 26.67 -8.52
C GLY B 222 31.58 27.52 -7.55
N SER B 223 31.50 28.80 -7.86
CA SER B 223 30.76 29.75 -7.04
C SER B 223 29.43 30.13 -7.68
N GLY B 224 29.07 29.44 -8.76
CA GLY B 224 27.83 29.72 -9.45
C GLY B 224 26.62 29.47 -8.57
N THR B 225 25.52 30.14 -8.89
CA THR B 225 24.29 29.97 -8.11
C THR B 225 23.21 29.22 -8.88
N ASP B 226 23.57 28.70 -10.05
CA ASP B 226 22.63 27.89 -10.83
C ASP B 226 22.37 26.57 -10.15
N LEU B 227 21.32 25.87 -10.58
CA LEU B 227 20.90 24.63 -9.96
C LEU B 227 22.00 23.57 -10.02
N ILE B 228 22.73 23.52 -11.12
CA ILE B 228 23.74 22.50 -11.28
C ILE B 228 24.91 22.64 -10.30
N THR B 229 25.55 23.80 -10.20
CA THR B 229 26.65 23.85 -9.22
C THR B 229 26.14 23.69 -7.79
N ARG B 230 24.90 24.11 -7.54
CA ARG B 230 24.33 23.97 -6.19
C ARG B 230 24.20 22.51 -5.76
N ILE B 231 23.69 21.67 -6.66
CA ILE B 231 23.52 20.25 -6.35
C ILE B 231 24.83 19.47 -6.50
N LEU B 232 25.58 19.79 -7.56
CA LEU B 232 26.84 19.11 -7.85
C LEU B 232 27.80 19.21 -6.66
N ASN B 233 27.80 20.36 -6.00
CA ASN B 233 28.75 20.64 -4.91
C ASN B 233 28.39 20.14 -3.50
N VAL B 234 27.23 19.49 -3.37
CA VAL B 234 26.85 18.87 -2.10
C VAL B 234 27.71 17.65 -1.84
N GLU B 235 28.38 17.62 -0.68
CA GLU B 235 29.25 16.49 -0.36
C GLU B 235 28.46 15.19 -0.17
N ILE B 236 29.07 14.08 -0.60
CA ILE B 236 28.53 12.75 -0.35
C ILE B 236 29.52 12.04 0.56
N ASP B 237 29.06 11.65 1.75
CA ASP B 237 29.96 11.10 2.78
C ASP B 237 31.16 12.03 3.03
N GLY B 238 30.87 13.30 3.27
CA GLY B 238 31.90 14.29 3.57
C GLY B 238 32.97 14.46 2.50
N LYS B 239 32.59 14.23 1.24
CA LYS B 239 33.54 14.16 0.14
C LYS B 239 32.89 14.66 -1.15
N PRO B 240 33.69 15.23 -2.07
CA PRO B 240 33.13 15.53 -3.40
C PRO B 240 32.53 14.28 -4.04
N MET B 241 31.35 14.45 -4.61
CA MET B 241 30.67 13.40 -5.35
C MET B 241 31.58 12.86 -6.47
N PRO B 242 31.63 11.52 -6.61
CA PRO B 242 32.45 10.86 -7.63
C PRO B 242 32.11 11.30 -9.06
N ASP B 243 33.05 11.20 -9.99
CA ASP B 243 32.82 11.61 -11.37
C ASP B 243 31.70 10.82 -12.07
N ASP B 244 31.68 9.50 -11.89
CA ASP B 244 30.63 8.69 -12.51
C ASP B 244 29.24 9.05 -11.99
N ARG B 245 29.12 9.24 -10.67
CA ARG B 245 27.85 9.65 -10.07
C ARG B 245 27.43 11.04 -10.55
N ALA B 246 28.39 11.94 -10.71
CA ALA B 246 28.07 13.31 -11.15
C ALA B 246 27.50 13.29 -12.57
N LEU B 247 28.09 12.48 -13.44
CA LEU B 247 27.61 12.36 -14.81
C LEU B 247 26.16 11.93 -14.83
N GLY B 248 25.87 10.90 -14.04
CA GLY B 248 24.51 10.38 -13.95
C GLY B 248 23.53 11.36 -13.33
N LEU B 249 23.99 12.13 -12.36
CA LEU B 249 23.11 13.07 -11.63
C LEU B 249 22.74 14.27 -12.48
N VAL B 250 23.74 14.90 -13.08
CA VAL B 250 23.47 16.10 -13.88
C VAL B 250 22.64 15.71 -15.10
N SER B 251 22.91 14.53 -15.68
CA SER B 251 22.13 14.06 -16.81
C SER B 251 20.67 13.88 -16.41
N LEU B 252 20.44 13.32 -15.22
CA LEU B 252 19.08 13.07 -14.77
C LEU B 252 18.32 14.37 -14.56
N LEU B 253 19.00 15.38 -14.02
CA LEU B 253 18.38 16.68 -13.82
C LEU B 253 17.85 17.22 -15.13
N LEU B 254 18.68 17.14 -16.17
CA LEU B 254 18.28 17.61 -17.49
C LEU B 254 17.12 16.81 -18.04
N LEU B 255 17.21 15.49 -17.94
CA LEU B 255 16.13 14.64 -18.48
C LEU B 255 14.84 14.85 -17.68
N GLY B 256 14.97 14.93 -16.36
CA GLY B 256 13.82 15.09 -15.50
C GLY B 256 13.16 16.44 -15.72
N GLY B 257 13.99 17.48 -15.85
CA GLY B 257 13.47 18.82 -15.95
C GLY B 257 12.81 19.18 -17.27
N LEU B 258 13.05 18.38 -18.31
CA LEU B 258 12.56 18.75 -19.63
C LEU B 258 11.33 17.96 -20.11
N ASP B 259 11.46 16.64 -20.22
CA ASP B 259 10.51 15.85 -21.02
C ASP B 259 9.10 15.75 -20.41
N ALA B 260 9.01 15.45 -19.12
CA ALA B 260 7.70 15.18 -18.52
C ALA B 260 6.74 16.39 -18.51
N VAL B 261 7.22 17.56 -18.09
CA VAL B 261 6.34 18.73 -17.98
C VAL B 261 5.86 19.20 -19.35
N VAL B 262 6.76 19.15 -20.34
CA VAL B 262 6.41 19.51 -21.71
C VAL B 262 5.23 18.68 -22.20
N ASN B 263 5.30 17.38 -21.96
CA ASN B 263 4.23 16.54 -22.45
C ASN B 263 2.97 16.60 -21.61
N PHE B 264 3.13 16.73 -20.29
CA PHE B 264 1.99 16.93 -19.41
C PHE B 264 1.14 18.11 -19.88
N LEU B 265 1.79 19.23 -20.16
CA LEU B 265 1.06 20.42 -20.59
C LEU B 265 0.24 20.18 -21.86
N GLY B 266 0.79 19.41 -22.81
CA GLY B 266 0.05 19.12 -24.03
C GLY B 266 -1.22 18.33 -23.76
N PHE B 267 -1.11 17.27 -22.97
CA PHE B 267 -2.28 16.47 -22.64
C PHE B 267 -3.33 17.29 -21.89
N MET B 268 -2.86 18.08 -20.92
CA MET B 268 -3.76 18.90 -20.13
C MET B 268 -4.50 19.88 -21.03
N MET B 269 -3.76 20.51 -21.93
CA MET B 269 -4.34 21.56 -22.77
C MET B 269 -5.34 21.01 -23.79
N ILE B 270 -5.09 19.80 -24.28
CA ILE B 270 -6.04 19.18 -25.20
C ILE B 270 -7.38 19.00 -24.49
N TYR B 271 -7.34 18.54 -23.24
CA TYR B 271 -8.57 18.39 -22.47
C TYR B 271 -9.26 19.72 -22.22
N LEU B 272 -8.52 20.70 -21.73
CA LEU B 272 -9.13 22.00 -21.45
C LEU B 272 -9.77 22.63 -22.69
N SER B 273 -9.14 22.43 -23.85
CA SER B 273 -9.65 23.00 -25.10
C SER B 273 -10.98 22.38 -25.50
N ARG B 274 -11.28 21.24 -24.90
CA ARG B 274 -12.53 20.52 -25.21
C ARG B 274 -13.55 20.67 -24.09
N HIS B 275 -13.15 21.35 -23.02
CA HIS B 275 -14.01 21.49 -21.85
C HIS B 275 -14.08 22.95 -21.40
N PRO B 276 -14.80 23.77 -22.17
CA PRO B 276 -14.86 25.21 -21.90
C PRO B 276 -15.52 25.53 -20.56
N GLU B 277 -16.36 24.64 -20.04
CA GLU B 277 -16.99 24.92 -18.75
C GLU B 277 -15.98 24.87 -17.59
N THR B 278 -15.04 23.93 -17.65
CA THR B 278 -14.04 23.89 -16.60
C THR B 278 -12.97 24.98 -16.79
N VAL B 279 -12.71 25.37 -18.04
CA VAL B 279 -11.86 26.54 -18.29
C VAL B 279 -12.50 27.78 -17.68
N ALA B 280 -13.82 27.90 -17.87
CA ALA B 280 -14.54 29.05 -17.35
C ALA B 280 -14.49 29.12 -15.81
N GLU B 281 -14.59 27.97 -15.15
CA GLU B 281 -14.49 27.92 -13.70
C GLU B 281 -13.11 28.36 -13.20
N MET B 282 -12.06 27.90 -13.87
CA MET B 282 -10.69 28.29 -13.53
C MET B 282 -10.53 29.79 -13.64
N ARG B 283 -11.09 30.33 -14.72
CA ARG B 283 -10.94 31.73 -15.05
C ARG B 283 -11.68 32.63 -14.04
N ARG B 284 -12.89 32.21 -13.67
CA ARG B 284 -13.74 33.02 -12.81
C ARG B 284 -13.33 32.92 -11.34
N GLU B 285 -12.75 31.79 -10.96
CA GLU B 285 -12.43 31.53 -9.56
C GLU B 285 -10.97 31.12 -9.36
N PRO B 286 -10.11 32.11 -9.03
CA PRO B 286 -8.67 31.91 -8.87
C PRO B 286 -8.31 30.82 -7.86
N LEU B 287 -9.07 30.69 -6.78
CA LEU B 287 -8.82 29.63 -5.81
C LEU B 287 -9.10 28.24 -6.38
N LYS B 288 -10.14 28.14 -7.23
CA LYS B 288 -10.44 26.89 -7.92
C LYS B 288 -9.27 26.48 -8.80
N LEU B 289 -8.68 27.46 -9.48
CA LEU B 289 -7.52 27.20 -10.32
C LEU B 289 -6.37 26.65 -9.48
N GLN B 290 -5.96 27.41 -8.47
CA GLN B 290 -4.79 27.05 -7.66
C GLN B 290 -5.00 25.70 -7.00
N ARG B 291 -6.15 25.54 -6.37
CA ARG B 291 -6.43 24.31 -5.63
C ARG B 291 -6.78 23.15 -6.53
N GLY B 292 -6.96 23.42 -7.83
CA GLY B 292 -7.33 22.38 -8.79
C GLY B 292 -6.16 21.83 -9.59
N VAL B 293 -4.99 22.42 -9.42
CA VAL B 293 -3.82 21.95 -10.16
C VAL B 293 -3.48 20.49 -9.85
N GLU B 294 -3.64 20.05 -8.61
CA GLU B 294 -3.30 18.65 -8.29
C GLU B 294 -4.23 17.66 -9.00
N GLU B 295 -5.47 18.08 -9.20
CA GLU B 295 -6.44 17.28 -9.95
C GLU B 295 -5.99 17.09 -11.38
N LEU B 296 -5.32 18.09 -11.94
CA LEU B 296 -4.77 17.95 -13.29
C LEU B 296 -3.64 16.92 -13.28
N PHE B 297 -2.80 16.94 -12.25
CA PHE B 297 -1.75 15.92 -12.15
C PHE B 297 -2.34 14.51 -11.99
N ARG B 298 -3.44 14.40 -11.26
CA ARG B 298 -4.13 13.10 -11.19
C ARG B 298 -4.56 12.62 -12.57
N ARG B 299 -5.08 13.54 -13.37
CA ARG B 299 -5.77 13.18 -14.61
C ARG B 299 -4.82 12.97 -15.80
N PHE B 300 -3.66 13.62 -15.81
CA PHE B 300 -2.77 13.55 -16.99
C PHE B 300 -1.41 12.97 -16.73
N ALA B 301 -1.36 11.80 -16.08
CA ALA B 301 -0.07 11.12 -15.87
C ALA B 301 0.66 10.88 -17.20
N VAL B 302 1.99 10.94 -17.17
CA VAL B 302 2.74 10.67 -18.39
C VAL B 302 3.78 9.56 -18.28
N VAL B 303 4.14 9.16 -17.06
CA VAL B 303 5.23 8.19 -16.87
C VAL B 303 4.74 6.76 -16.76
N SER B 304 5.42 5.84 -17.44
CA SER B 304 5.20 4.41 -17.23
C SER B 304 6.59 3.79 -17.13
N ASP B 305 7.06 3.54 -15.92
CA ASP B 305 8.37 2.91 -15.79
C ASP B 305 8.30 1.66 -14.93
N ALA B 306 9.44 1.06 -14.62
CA ALA B 306 9.43 -0.29 -14.09
C ALA B 306 10.14 -0.44 -12.75
N ARG B 307 9.99 -1.62 -12.15
CA ARG B 307 10.81 -2.04 -11.02
C ARG B 307 11.22 -3.50 -11.23
N TYR B 308 12.24 -3.92 -10.51
CA TYR B 308 12.87 -5.24 -10.65
C TYR B 308 12.51 -6.09 -9.43
N VAL B 309 11.94 -7.27 -9.66
CA VAL B 309 11.54 -8.14 -8.55
C VAL B 309 12.76 -8.72 -7.85
N VAL B 310 12.94 -8.38 -6.58
CA VAL B 310 14.16 -8.73 -5.84
C VAL B 310 14.28 -10.24 -5.52
N SER B 311 13.16 -10.86 -5.18
CA SER B 311 13.15 -12.28 -4.78
C SER B 311 11.91 -12.97 -5.33
N ASP B 312 11.98 -14.29 -5.52
CA ASP B 312 10.77 -15.06 -5.84
C ASP B 312 9.73 -14.73 -4.77
N MET B 313 8.49 -14.49 -5.18
CA MET B 313 7.46 -14.08 -4.23
C MET B 313 6.08 -14.32 -4.82
N GLU B 314 5.07 -14.29 -3.96
CA GLU B 314 3.69 -14.21 -4.44
C GLU B 314 3.21 -12.80 -4.11
N PHE B 315 2.68 -12.10 -5.11
CA PHE B 315 2.22 -10.72 -4.92
C PHE B 315 0.83 -10.62 -5.51
N HIS B 316 -0.16 -10.27 -4.68
CA HIS B 316 -1.55 -10.14 -5.14
C HIS B 316 -2.00 -11.35 -5.96
N GLY B 317 -1.74 -12.54 -5.42
CA GLY B 317 -2.16 -13.79 -6.02
C GLY B 317 -1.36 -14.23 -7.26
N THR B 318 -0.25 -13.55 -7.51
CA THR B 318 0.53 -13.75 -8.74
C THR B 318 1.93 -14.21 -8.38
N MET B 319 2.37 -15.31 -8.98
CA MET B 319 3.73 -15.82 -8.73
C MET B 319 4.75 -15.04 -9.54
N LEU B 320 5.71 -14.44 -8.84
CA LEU B 320 6.75 -13.67 -9.50
C LEU B 320 8.11 -14.32 -9.25
N LYS B 321 9.04 -14.13 -10.18
CA LYS B 321 10.38 -14.64 -10.00
C LYS B 321 11.37 -13.49 -9.88
N GLU B 322 12.41 -13.71 -9.08
CA GLU B 322 13.53 -12.78 -9.01
C GLU B 322 13.99 -12.40 -10.42
N GLY B 323 14.09 -11.10 -10.69
CA GLY B 323 14.53 -10.64 -12.01
C GLY B 323 13.39 -10.23 -12.94
N ASP B 324 12.17 -10.65 -12.62
CA ASP B 324 11.00 -10.22 -13.40
C ASP B 324 10.92 -8.70 -13.37
N LEU B 325 10.46 -8.10 -14.46
CA LEU B 325 10.25 -6.65 -14.49
C LEU B 325 8.76 -6.37 -14.45
N ILE B 326 8.35 -5.35 -13.72
CA ILE B 326 6.95 -4.97 -13.69
C ILE B 326 6.84 -3.53 -14.15
N LEU B 327 6.08 -3.30 -15.22
CA LEU B 327 5.81 -1.94 -15.69
C LEU B 327 4.68 -1.32 -14.87
N LEU B 328 4.85 -0.05 -14.51
CA LEU B 328 3.89 0.66 -13.69
C LEU B 328 3.38 1.85 -14.47
N PRO B 329 2.24 1.69 -15.15
CA PRO B 329 1.72 2.80 -15.95
C PRO B 329 1.00 3.72 -14.99
N THR B 330 1.61 4.85 -14.66
CA THR B 330 1.10 5.65 -13.54
C THR B 330 -0.30 6.18 -13.80
N ALA B 331 -0.70 6.26 -15.07
CA ALA B 331 -2.06 6.68 -15.40
C ALA B 331 -3.09 5.76 -14.77
N LEU B 332 -2.72 4.50 -14.56
CA LEU B 332 -3.68 3.54 -14.03
C LEU B 332 -3.90 3.61 -12.50
N HIS B 333 -3.25 4.56 -11.83
CA HIS B 333 -3.65 4.88 -10.46
C HIS B 333 -4.65 6.05 -10.48
N GLY B 334 -4.20 7.20 -10.99
CA GLY B 334 -5.07 8.36 -11.07
C GLY B 334 -6.40 8.10 -11.78
N LEU B 335 -6.39 7.24 -12.77
CA LEU B 335 -7.61 6.95 -13.55
C LEU B 335 -8.36 5.68 -13.14
N ASP B 336 -7.94 5.05 -12.05
CA ASP B 336 -8.55 3.80 -11.60
C ASP B 336 -9.87 4.13 -10.93
N ASP B 337 -10.99 3.57 -11.42
CA ASP B 337 -12.28 3.93 -10.84
C ASP B 337 -12.50 3.35 -9.44
N ARG B 338 -11.59 2.51 -8.97
CA ARG B 338 -11.63 2.03 -7.59
C ARG B 338 -11.10 3.10 -6.63
N HIS B 339 -10.38 4.05 -7.19
CA HIS B 339 -9.79 5.13 -6.42
C HIS B 339 -10.51 6.46 -6.63
N HIS B 340 -11.09 6.63 -7.82
CA HIS B 340 -11.75 7.90 -8.17
C HIS B 340 -13.01 7.68 -9.02
N ASP B 341 -14.14 8.20 -8.56
CA ASP B 341 -15.38 8.18 -9.35
C ASP B 341 -15.20 9.04 -10.61
N ASP B 342 -15.79 8.61 -11.73
CA ASP B 342 -15.71 9.35 -13.00
C ASP B 342 -14.29 9.83 -13.26
N PRO B 343 -13.34 8.89 -13.30
CA PRO B 343 -11.93 9.31 -13.27
C PRO B 343 -11.48 10.09 -14.49
N MET B 344 -12.15 9.96 -15.63
CA MET B 344 -11.73 10.72 -16.81
C MET B 344 -12.16 12.18 -16.77
N THR B 345 -13.03 12.53 -15.80
CA THR B 345 -13.46 13.92 -15.69
C THR B 345 -12.57 14.72 -14.73
N VAL B 346 -12.16 15.89 -15.20
CA VAL B 346 -11.51 16.85 -14.32
C VAL B 346 -12.59 17.54 -13.47
N ASP B 347 -12.49 17.32 -12.16
CA ASP B 347 -13.36 18.00 -11.21
C ASP B 347 -12.46 18.83 -10.32
N LEU B 348 -12.49 20.15 -10.53
CA LEU B 348 -11.61 21.05 -9.80
C LEU B 348 -11.82 20.95 -8.30
N SER B 349 -13.03 20.57 -7.91
CA SER B 349 -13.40 20.46 -6.50
C SER B 349 -13.33 19.05 -5.94
N ARG B 350 -12.73 18.12 -6.69
CA ARG B 350 -12.58 16.74 -6.23
C ARG B 350 -11.87 16.72 -4.87
N ARG B 351 -12.47 16.05 -3.89
CA ARG B 351 -11.95 16.08 -2.51
C ARG B 351 -10.66 15.29 -2.35
N ASP B 352 -10.62 14.12 -2.99
CA ASP B 352 -9.46 13.25 -2.94
C ASP B 352 -8.87 13.13 -4.34
N VAL B 353 -7.61 13.54 -4.49
CA VAL B 353 -6.98 13.50 -5.80
C VAL B 353 -5.79 12.53 -5.85
N THR B 354 -5.69 11.66 -4.85
CA THR B 354 -4.54 10.76 -4.68
C THR B 354 -4.14 10.09 -5.99
N HIS B 355 -2.86 10.16 -6.32
CA HIS B 355 -2.40 9.65 -7.60
C HIS B 355 -0.93 9.27 -7.54
N SER B 356 -0.43 8.61 -8.58
CA SER B 356 0.99 8.25 -8.61
C SER B 356 1.68 8.90 -9.81
N THR B 357 1.21 10.07 -10.20
CA THR B 357 1.81 10.77 -11.35
C THR B 357 3.27 11.13 -11.06
N PHE B 358 3.57 11.36 -9.79
CA PHE B 358 4.95 11.58 -9.35
C PHE B 358 5.56 10.35 -8.71
N ALA B 359 4.95 9.19 -8.94
CA ALA B 359 5.33 7.96 -8.25
C ALA B 359 5.12 8.07 -6.75
N GLN B 360 5.78 7.22 -5.98
CA GLN B 360 5.68 7.22 -4.52
C GLN B 360 7.00 6.72 -3.99
N GLY B 361 7.17 6.79 -2.68
CA GLY B 361 8.33 6.19 -2.05
C GLY B 361 9.53 7.11 -2.13
N PRO B 362 10.73 6.54 -1.97
CA PRO B 362 11.92 7.37 -1.83
C PRO B 362 12.25 8.13 -3.11
N HIS B 363 11.84 7.59 -4.25
CA HIS B 363 12.13 8.24 -5.53
C HIS B 363 11.03 9.20 -5.97
N ARG B 364 10.02 9.43 -5.14
CA ARG B 364 8.90 10.28 -5.54
C ARG B 364 9.45 11.59 -6.07
N CYS B 365 8.93 12.02 -7.22
CA CYS B 365 9.52 13.10 -8.03
C CYS B 365 10.14 14.24 -7.24
N ALA B 366 11.44 14.46 -7.42
CA ALA B 366 12.12 15.55 -6.73
C ALA B 366 11.72 16.91 -7.32
N GLY B 367 11.23 16.90 -8.55
CA GLY B 367 10.85 18.14 -9.22
C GLY B 367 9.39 18.52 -9.04
N MET B 368 8.68 17.83 -8.15
CA MET B 368 7.23 18.02 -8.08
C MET B 368 6.83 19.45 -7.73
N HIS B 369 7.61 20.13 -6.92
CA HIS B 369 7.25 21.49 -6.54
C HIS B 369 7.40 22.42 -7.72
N LEU B 370 8.46 22.21 -8.49
CA LEU B 370 8.69 23.01 -9.67
C LEU B 370 7.61 22.74 -10.71
N ALA B 371 7.25 21.47 -10.87
CA ALA B 371 6.20 21.12 -11.83
C ALA B 371 4.89 21.79 -11.47
N ARG B 372 4.55 21.76 -10.18
CA ARG B 372 3.30 22.38 -9.74
C ARG B 372 3.30 23.88 -9.98
N LEU B 373 4.44 24.52 -9.72
CA LEU B 373 4.52 25.96 -9.89
C LEU B 373 4.44 26.32 -11.37
N GLU B 374 5.13 25.56 -12.23
CA GLU B 374 5.08 25.81 -13.66
C GLU B 374 3.66 25.72 -14.21
N VAL B 375 2.93 24.70 -13.77
CA VAL B 375 1.58 24.50 -14.30
C VAL B 375 0.64 25.58 -13.76
N THR B 376 0.78 25.90 -12.48
CA THR B 376 -0.04 26.96 -11.87
C THR B 376 0.17 28.28 -12.58
N VAL B 377 1.43 28.67 -12.74
CA VAL B 377 1.75 29.94 -13.40
C VAL B 377 1.25 29.98 -14.84
N MET B 378 1.47 28.89 -15.56
CA MET B 378 1.01 28.78 -16.94
C MET B 378 -0.50 29.04 -17.05
N LEU B 379 -1.29 28.33 -16.25
CA LEU B 379 -2.73 28.50 -16.29
C LEU B 379 -3.15 29.94 -15.97
N GLN B 380 -2.56 30.50 -14.92
CA GLN B 380 -2.89 31.86 -14.52
C GLN B 380 -2.58 32.88 -15.62
N GLU B 381 -1.38 32.81 -16.19
CA GLU B 381 -0.97 33.80 -17.18
C GLU B 381 -1.63 33.55 -18.54
N TRP B 382 -1.95 32.30 -18.83
CA TRP B 382 -2.67 32.00 -20.07
C TRP B 382 -4.08 32.57 -20.00
N LEU B 383 -4.81 32.19 -18.96
CA LEU B 383 -6.23 32.57 -18.85
C LEU B 383 -6.43 34.08 -18.73
N ALA B 384 -5.42 34.77 -18.17
CA ALA B 384 -5.49 36.21 -18.06
C ALA B 384 -5.51 36.87 -19.44
N ARG B 385 -4.95 36.18 -20.43
CA ARG B 385 -4.76 36.79 -21.76
C ARG B 385 -5.57 36.11 -22.86
N ILE B 386 -5.82 34.82 -22.66
CA ILE B 386 -6.57 33.97 -23.59
C ILE B 386 -7.59 33.20 -22.77
N PRO B 387 -8.68 33.87 -22.35
CA PRO B 387 -9.65 33.31 -21.40
C PRO B 387 -10.51 32.19 -21.98
N GLU B 388 -10.72 32.20 -23.29
CA GLU B 388 -11.46 31.12 -23.95
C GLU B 388 -10.65 30.63 -25.13
N PHE B 389 -10.78 29.35 -25.43
CA PHE B 389 -10.07 28.76 -26.56
C PHE B 389 -10.63 27.38 -26.86
N ARG B 390 -10.39 26.91 -28.06
CA ARG B 390 -10.88 25.61 -28.48
C ARG B 390 -9.85 24.97 -29.40
N LEU B 391 -9.99 23.67 -29.61
CA LEU B 391 -9.16 22.96 -30.57
C LEU B 391 -9.71 23.22 -31.97
N LYS B 392 -8.80 23.46 -32.93
CA LYS B 392 -9.18 23.70 -34.32
C LYS B 392 -10.04 22.55 -34.86
N ASP B 393 -11.00 22.88 -35.71
CA ASP B 393 -11.91 21.87 -36.25
C ASP B 393 -11.19 20.72 -36.95
N ARG B 394 -11.54 19.49 -36.55
CA ARG B 394 -11.03 18.26 -37.17
C ARG B 394 -9.53 18.03 -37.02
N ALA B 395 -8.88 18.86 -36.21
CA ALA B 395 -7.47 18.61 -35.93
C ALA B 395 -7.32 17.36 -35.09
N VAL B 396 -6.22 16.65 -35.29
CA VAL B 396 -5.99 15.42 -34.56
C VAL B 396 -4.57 15.44 -34.07
N PRO B 397 -4.41 15.44 -32.74
CA PRO B 397 -3.07 15.38 -32.17
C PRO B 397 -2.45 14.02 -32.48
N ILE B 398 -1.13 13.95 -32.47
CA ILE B 398 -0.44 12.68 -32.68
C ILE B 398 0.14 12.23 -31.35
N TYR B 399 -0.23 11.01 -30.93
CA TYR B 399 0.13 10.52 -29.60
C TYR B 399 1.25 9.49 -29.67
N HIS B 400 2.11 9.52 -28.65
CA HIS B 400 3.20 8.56 -28.55
C HIS B 400 3.19 7.95 -27.16
N SER B 401 3.37 6.63 -27.09
CA SER B 401 3.48 6.00 -25.79
C SER B 401 4.91 5.48 -25.59
N GLY B 402 5.31 5.35 -24.34
CA GLY B 402 6.64 4.88 -24.01
C GLY B 402 6.87 5.01 -22.52
N ILE B 403 8.11 5.24 -22.11
CA ILE B 403 8.38 5.44 -20.68
C ILE B 403 7.83 6.80 -20.25
N VAL B 404 7.90 7.76 -21.16
CA VAL B 404 7.19 9.03 -20.98
C VAL B 404 6.33 9.26 -22.21
N ALA B 405 5.04 9.52 -21.99
CA ALA B 405 4.10 9.76 -23.09
C ALA B 405 4.40 11.09 -23.77
N ALA B 406 4.10 11.19 -25.06
CA ALA B 406 4.29 12.46 -25.76
C ALA B 406 3.12 12.74 -26.67
N VAL B 407 2.96 14.01 -27.03
CA VAL B 407 1.86 14.41 -27.89
C VAL B 407 2.32 15.63 -28.69
N GLU B 408 1.97 15.66 -29.97
CA GLU B 408 2.26 16.79 -30.84
C GLU B 408 1.01 17.25 -31.58
N ASN B 409 1.11 18.42 -32.19
CA ASN B 409 0.05 18.98 -33.03
C ASN B 409 -1.24 19.33 -32.29
N ILE B 410 -1.23 20.48 -31.64
CA ILE B 410 -2.36 20.92 -30.84
C ILE B 410 -2.72 22.33 -31.29
N PRO B 411 -3.42 22.45 -32.44
CA PRO B 411 -3.78 23.76 -32.98
C PRO B 411 -4.96 24.35 -32.23
N LEU B 412 -4.73 25.47 -31.56
CA LEU B 412 -5.76 26.14 -30.77
C LEU B 412 -6.25 27.38 -31.47
N GLU B 413 -7.52 27.72 -31.24
CA GLU B 413 -8.11 28.90 -31.83
C GLU B 413 -8.90 29.69 -30.80
N TRP B 414 -8.93 31.01 -30.96
CA TRP B 414 -9.72 31.87 -30.07
C TRP B 414 -9.99 33.22 -30.71
N GLU B 415 -10.94 33.94 -30.13
CA GLU B 415 -11.19 35.33 -30.49
C GLU B 415 -10.29 36.20 -29.63
N PRO B 416 -9.35 36.92 -30.25
CA PRO B 416 -8.44 37.81 -29.51
C PRO B 416 -9.21 38.81 -28.65
N GLN B 417 -8.78 39.00 -27.40
CA GLN B 417 -9.54 39.84 -26.47
C GLN B 417 -8.93 41.22 -26.25
CHA HEM C . 0.77 -12.88 16.40
CHB HEM C . -3.75 -12.79 14.56
CHC HEM C . -4.34 -17.41 15.95
CHD HEM C . -0.11 -17.33 18.29
C1A HEM C . -0.39 -12.46 15.78
C2A HEM C . -0.59 -11.16 15.18
C3A HEM C . -1.83 -11.13 14.67
C4A HEM C . -2.47 -12.42 14.93
CMA HEM C . -2.47 -9.93 13.95
CAA HEM C . 0.43 -10.00 15.14
CBA HEM C . 0.39 -9.23 16.46
CGA HEM C . 1.31 -8.05 16.40
O1A HEM C . 2.56 -8.25 16.44
O2A HEM C . 0.83 -6.90 16.32
C1B HEM C . -4.30 -14.04 14.76
C2B HEM C . -5.58 -14.50 14.26
C3B HEM C . -5.74 -15.78 14.64
C4B HEM C . -4.56 -16.17 15.40
CMB HEM C . -6.54 -13.61 13.43
CAB HEM C . -6.93 -16.74 14.39
CBB HEM C . -8.07 -16.41 13.77
C1C HEM C . -3.26 -17.79 16.71
C2C HEM C . -3.09 -19.07 17.36
C3C HEM C . -1.94 -19.06 18.03
C4C HEM C . -1.32 -17.76 17.81
CMC HEM C . -4.10 -20.24 17.31
CAC HEM C . -1.40 -20.25 18.87
CBC HEM C . -0.56 -20.07 19.88
C1D HEM C . 0.51 -16.13 17.98
C2D HEM C . 1.83 -15.75 18.48
C3D HEM C . 2.10 -14.37 17.87
C4D HEM C . 0.93 -14.05 17.10
CMD HEM C . 2.76 -16.55 19.41
CAD HEM C . 3.35 -13.50 18.10
CBD HEM C . 4.35 -13.76 16.97
CGD HEM C . 5.53 -12.82 17.11
O1D HEM C . 5.46 -11.84 17.89
O2D HEM C . 6.55 -13.03 16.40
NA HEM C . -1.54 -13.22 15.61
NB HEM C . -3.72 -15.09 15.47
NC HEM C . -2.15 -17.01 17.00
ND HEM C . 0.01 -15.10 17.18
FE HEM C . -1.76 -15.18 16.13
C1 CAM D . -3.00 -11.37 20.72
C2 CAM D . -1.72 -10.72 21.10
O CAM D . -1.48 -10.16 22.25
C3 CAM D . -0.78 -10.81 19.96
C4 CAM D . -1.60 -11.63 19.04
C5 CAM D . -1.69 -13.00 19.65
C6 CAM D . -2.65 -12.83 20.80
C7 CAM D . -3.00 -11.12 19.24
C8 CAM D . -3.11 -9.67 18.94
C9 CAM D . -4.03 -11.88 18.49
C10 CAM D . -4.18 -10.94 21.52
C1 GOL E . 3.91 10.39 0.41
O1 GOL E . 2.61 9.84 0.36
C2 GOL E . 4.41 10.13 1.80
O2 GOL E . 4.45 11.26 2.64
C3 GOL E . 5.55 9.16 1.94
O3 GOL E . 4.99 8.15 2.74
C1 GOL F . 1.62 -16.65 2.96
O1 GOL F . 0.42 -16.16 2.42
C2 GOL F . 1.30 -17.88 3.80
O2 GOL F . 0.63 -17.45 4.96
C3 GOL F . 2.56 -18.60 4.22
O3 GOL F . 2.18 -19.67 5.03
CHA HEM G . 11.55 11.32 -10.39
CHB HEM G . 7.48 12.24 -12.84
CHC HEM G . 8.77 16.90 -13.40
CHD HEM G . 13.13 15.83 -11.54
C1A HEM G . 10.31 11.18 -10.97
C2A HEM G . 9.50 9.97 -10.97
C3A HEM G . 8.38 10.22 -11.64
C4A HEM G . 8.43 11.60 -12.10
CMA HEM G . 7.19 9.26 -11.92
CAA HEM G . 9.92 8.66 -10.27
CBA HEM G . 10.76 7.81 -11.23
CGA HEM G . 11.11 6.47 -10.61
O1A HEM G . 11.94 6.40 -9.68
O2A HEM G . 10.57 5.43 -11.08
C1B HEM G . 7.45 13.58 -13.18
C2B HEM G . 6.33 14.27 -13.79
C3B HEM G . 6.69 15.57 -13.95
C4B HEM G . 8.04 15.71 -13.44
CMB HEM G . 4.99 13.60 -14.16
CAB HEM G . 5.88 16.73 -14.55
CBB HEM G . 4.69 16.65 -15.14
C1C HEM G . 10.07 17.01 -12.98
C2C HEM G . 10.89 18.19 -13.05
C3C HEM G . 12.10 17.91 -12.56
C4C HEM G . 12.09 16.53 -12.12
CMC HEM G . 10.44 19.56 -13.62
CAC HEM G . 13.26 18.94 -12.44
CBC HEM G . 14.53 18.54 -12.44
C1D HEM G . 13.08 14.54 -11.04
C2D HEM G . 14.19 13.91 -10.38
C3D HEM G . 13.71 12.51 -10.03
C4D HEM G . 12.35 12.43 -10.52
CMD HEM G . 15.59 14.51 -10.10
CAD HEM G . 14.52 11.42 -9.29
CBD HEM G . 14.09 11.38 -7.83
CGD HEM G . 14.81 10.26 -7.11
O1D HEM G . 15.25 9.29 -7.78
O2D HEM G . 14.91 10.34 -5.86
NA HEM G . 9.64 12.14 -11.67
NB HEM G . 8.49 14.49 -12.98
NC HEM G . 10.85 16.02 -12.40
ND HEM G . 12.00 13.64 -11.11
FE HEM G . 10.15 14.13 -11.84
C1 CAM H . 12.63 10.26 -16.16
C2 CAM H . 13.63 9.37 -15.54
O CAM H . 14.62 8.79 -16.15
C3 CAM H . 13.33 9.24 -14.09
C4 CAM H . 12.16 10.14 -14.01
C5 CAM H . 12.70 11.53 -14.18
C6 CAM H . 13.04 11.62 -15.65
C7 CAM H . 11.45 9.91 -15.30
C8 CAM H . 10.33 10.85 -15.52
C9 CAM H . 10.98 8.50 -15.47
C10 CAM H . 12.48 10.14 -17.64
#